data_1AQL
#
_entry.id   1AQL
#
_cell.length_a   130.230
_cell.length_b   104.090
_cell.length_c   120.180
_cell.angle_alpha   90.00
_cell.angle_beta   90.00
_cell.angle_gamma   90.00
#
_symmetry.space_group_name_H-M   'P 21 21 2'
#
loop_
_entity.id
_entity.type
_entity.pdbx_description
1 polymer 'BILE-SALT ACTIVATED LIPASE'
2 non-polymer 2-acetamido-2-deoxy-beta-D-glucopyranose
3 non-polymer 'TAUROCHOLIC ACID'
#
_entity_poly.entity_id   1
_entity_poly.type   'polypeptide(L)'
_entity_poly.pdbx_seq_one_letter_code
;AKLGSVYTEGGFVEGVNKKLSLFGDSIDIFKGIPFAAAPKALEKPERHPGWQGTLKAKSFKKRCLQATLTQDSTYGNEDC
LYLNIWVPQGRKEVSHDLPVMIWIYGGAFLMGASQGANFLSNYLYDGEEIATRGNVIVVTFNYRVGPLGFLSTGDSNLPG
NYGLWDQHMAIAWVKRNIEAFGGDPDNITLFGESAGGASVSLQTLSPYNKGLIKRAISQSGVGLCPWAIQQDPLFWAKRI
AEKVGCPVDDTSKMAGCLKITDPRALTLAYKLPLGSTEYPKLHYLSFVPVIDGDFIPDDPVNLYANAADVDYIAGTNDMD
GHLFVGMDVPAINSNKQDVTEEDFYKLVSGLTVTKGLRGANATYEVYTEPWAQDSSQETRKKTMVDLETDILFLIPTKIA
VAQHKSHAKSANTYTYLFSQPSRMPIYPKWMGADHADDLQYVFGKPFATPLGYRAQDRTVSKAMIAYWTNFARTGDPNTG
HSTVPANWDPYTLEDDNYLEINKQMDSNSMKLHLRTNYLQFWTQTYQALPTV
;
_entity_poly.pdbx_strand_id   A,B
#
# COMPACT_ATOMS: atom_id res chain seq x y z
N ALA A 1 -2.75 -8.47 -40.22
CA ALA A 1 -2.19 -7.18 -40.60
C ALA A 1 -1.08 -6.75 -39.63
N LYS A 2 0.01 -6.24 -40.20
CA LYS A 2 1.16 -5.78 -39.41
C LYS A 2 1.60 -4.45 -39.98
N LEU A 3 1.38 -3.37 -39.24
CA LEU A 3 1.77 -2.04 -39.72
C LEU A 3 3.30 -1.98 -39.75
N GLY A 4 3.93 -2.86 -38.98
CA GLY A 4 5.38 -2.92 -38.94
C GLY A 4 6.02 -1.61 -38.51
N SER A 5 6.64 -0.92 -39.47
CA SER A 5 7.28 0.36 -39.19
C SER A 5 6.38 1.46 -39.71
N VAL A 6 6.14 2.46 -38.86
CA VAL A 6 5.27 3.57 -39.19
C VAL A 6 6.11 4.81 -39.41
N TYR A 7 5.71 5.67 -40.34
CA TYR A 7 6.46 6.89 -40.62
C TYR A 7 5.89 8.18 -40.03
N THR A 8 6.34 8.52 -38.83
CA THR A 8 5.91 9.75 -38.15
C THR A 8 6.66 10.94 -38.75
N GLU A 9 6.43 12.12 -38.19
CA GLU A 9 7.11 13.30 -38.66
C GLU A 9 8.54 13.30 -38.12
N GLY A 10 8.80 12.47 -37.11
CA GLY A 10 10.12 12.41 -36.51
C GLY A 10 11.01 11.33 -37.10
N GLY A 11 10.38 10.36 -37.76
CA GLY A 11 11.12 9.27 -38.37
C GLY A 11 10.30 7.99 -38.25
N PHE A 12 10.85 6.87 -38.67
CA PHE A 12 10.13 5.60 -38.58
C PHE A 12 10.10 5.05 -37.15
N VAL A 13 8.95 4.55 -36.72
CA VAL A 13 8.78 3.96 -35.39
C VAL A 13 8.32 2.52 -35.58
N GLU A 14 8.76 1.64 -34.69
CA GLU A 14 8.41 0.23 -34.80
C GLU A 14 8.04 -0.41 -33.46
N GLY A 15 6.83 -0.93 -33.43
CA GLY A 15 6.35 -1.58 -32.23
C GLY A 15 5.81 -2.94 -32.57
N VAL A 16 5.55 -3.73 -31.52
CA VAL A 16 5.03 -5.08 -31.65
C VAL A 16 3.69 -5.18 -32.40
N ASN A 17 3.18 -6.40 -32.46
CA ASN A 17 1.90 -6.73 -33.07
C ASN A 17 1.55 -7.96 -32.25
N LYS A 18 0.32 -8.02 -31.75
CA LYS A 18 -0.04 -9.16 -30.94
C LYS A 18 -1.16 -10.00 -31.54
N LYS A 19 -0.97 -11.31 -31.49
CA LYS A 19 -1.93 -12.27 -31.99
C LYS A 19 -3.08 -12.31 -31.01
N LEU A 20 -4.28 -12.04 -31.51
CA LEU A 20 -5.47 -12.05 -30.66
C LEU A 20 -6.32 -13.27 -31.01
N SER A 21 -7.01 -13.19 -32.14
CA SER A 21 -7.86 -14.28 -32.59
C SER A 21 -7.12 -15.12 -33.61
N LEU A 22 -7.79 -16.18 -34.06
CA LEU A 22 -7.22 -17.05 -35.06
C LEU A 22 -7.62 -16.55 -36.44
N PHE A 23 -8.78 -15.90 -36.54
CA PHE A 23 -9.19 -15.40 -37.83
C PHE A 23 -8.52 -14.07 -38.18
N GLY A 24 -7.23 -13.99 -37.85
CA GLY A 24 -6.42 -12.82 -38.16
C GLY A 24 -6.57 -11.53 -37.38
N ASP A 25 -7.39 -11.49 -36.33
CA ASP A 25 -7.54 -10.27 -35.56
C ASP A 25 -6.28 -10.07 -34.73
N SER A 26 -5.63 -8.94 -34.92
CA SER A 26 -4.40 -8.61 -34.21
C SER A 26 -4.43 -7.19 -33.61
N ILE A 27 -3.35 -6.82 -32.91
CA ILE A 27 -3.26 -5.52 -32.27
C ILE A 27 -1.81 -4.95 -32.24
N ASP A 28 -1.56 -3.95 -33.09
CA ASP A 28 -0.24 -3.28 -33.17
C ASP A 28 -0.05 -2.42 -31.92
N ILE A 29 1.05 -2.65 -31.20
CA ILE A 29 1.30 -1.93 -29.97
C ILE A 29 2.56 -1.07 -30.00
N PHE A 30 2.37 0.22 -29.87
CA PHE A 30 3.46 1.18 -29.88
C PHE A 30 3.59 1.88 -28.53
N LYS A 31 4.70 1.65 -27.84
CA LYS A 31 4.93 2.27 -26.52
C LYS A 31 6.20 3.10 -26.50
N GLY A 32 6.07 4.38 -26.15
CA GLY A 32 7.25 5.22 -26.04
C GLY A 32 7.59 6.14 -27.18
N ILE A 33 6.62 6.51 -27.99
CA ILE A 33 6.90 7.43 -29.09
C ILE A 33 7.02 8.81 -28.46
N PRO A 34 8.10 9.55 -28.72
CA PRO A 34 8.22 10.88 -28.12
C PRO A 34 7.45 11.92 -28.94
N PHE A 35 6.57 12.68 -28.27
CA PHE A 35 5.82 13.71 -28.99
C PHE A 35 6.48 15.08 -28.83
N ALA A 36 7.24 15.23 -27.76
CA ALA A 36 7.90 16.49 -27.50
C ALA A 36 9.34 16.30 -27.02
N ALA A 37 10.16 17.32 -27.23
CA ALA A 37 11.54 17.30 -26.77
C ALA A 37 11.48 17.45 -25.27
N ALA A 38 12.38 16.79 -24.53
CA ALA A 38 12.42 16.88 -23.06
C ALA A 38 12.33 18.35 -22.67
N PRO A 39 11.24 18.72 -21.97
CA PRO A 39 10.93 20.07 -21.50
C PRO A 39 11.96 20.79 -20.60
N LYS A 40 12.01 22.11 -20.76
CA LYS A 40 12.90 22.96 -19.98
C LYS A 40 12.11 23.26 -18.71
N ALA A 41 12.65 22.93 -17.53
CA ALA A 41 11.92 23.16 -16.28
C ALA A 41 11.16 24.47 -16.30
N LEU A 42 9.92 24.42 -15.85
CA LEU A 42 9.06 25.60 -15.80
C LEU A 42 9.04 26.35 -17.14
N GLU A 43 9.05 25.59 -18.23
CA GLU A 43 9.02 26.14 -19.57
C GLU A 43 8.13 25.31 -20.46
N LYS A 44 7.48 25.99 -21.41
CA LYS A 44 6.59 25.35 -22.37
C LYS A 44 7.29 24.23 -23.12
N PRO A 45 6.52 23.29 -23.67
CA PRO A 45 7.09 22.16 -24.41
C PRO A 45 7.59 22.59 -25.78
N GLU A 46 8.54 21.85 -26.31
CA GLU A 46 9.12 22.12 -27.62
C GLU A 46 9.04 20.82 -28.42
N ARG A 47 8.71 20.92 -29.72
CA ARG A 47 8.59 19.76 -30.58
C ARG A 47 9.81 18.85 -30.48
N HIS A 48 9.67 17.59 -30.90
CA HIS A 48 10.81 16.66 -30.86
C HIS A 48 11.65 16.95 -32.11
N PRO A 49 12.98 16.95 -31.96
CA PRO A 49 13.87 17.23 -33.08
C PRO A 49 13.87 16.15 -34.19
N GLY A 50 13.54 14.92 -33.81
CA GLY A 50 13.52 13.82 -34.77
C GLY A 50 14.67 12.87 -34.46
N TRP A 51 14.64 11.67 -35.03
CA TRP A 51 15.70 10.70 -34.80
C TRP A 51 16.43 10.25 -36.05
N GLN A 52 17.36 9.33 -35.86
CA GLN A 52 18.20 8.81 -36.93
C GLN A 52 17.51 7.93 -37.96
N GLY A 53 17.20 6.70 -37.59
CA GLY A 53 16.56 5.82 -38.56
C GLY A 53 15.26 5.22 -38.12
N THR A 54 15.32 4.34 -37.13
CA THR A 54 14.11 3.69 -36.66
C THR A 54 14.11 3.56 -35.16
N LEU A 55 13.02 4.07 -34.58
CA LEU A 55 12.80 4.10 -33.16
C LEU A 55 12.07 2.83 -32.71
N LYS A 56 12.68 2.11 -31.79
CA LYS A 56 12.09 0.89 -31.26
C LYS A 56 11.07 1.23 -30.18
N ALA A 57 9.82 1.41 -30.61
CA ALA A 57 8.73 1.73 -29.70
C ALA A 57 8.20 0.43 -29.09
N LYS A 58 8.88 -0.08 -28.07
CA LYS A 58 8.50 -1.34 -27.44
C LYS A 58 8.35 -1.33 -25.93
N SER A 59 8.47 -0.14 -25.35
CA SER A 59 8.32 -0.01 -23.89
C SER A 59 7.87 1.35 -23.37
N PHE A 60 7.20 1.32 -22.23
CA PHE A 60 6.71 2.53 -21.60
C PHE A 60 7.91 3.29 -21.08
N LYS A 61 8.03 4.55 -21.48
CA LYS A 61 9.12 5.38 -21.02
C LYS A 61 8.84 5.73 -19.56
N LYS A 62 9.70 6.54 -18.96
CA LYS A 62 9.50 6.91 -17.56
C LYS A 62 8.58 8.11 -17.40
N ARG A 63 7.73 8.02 -16.38
CA ARG A 63 6.78 9.07 -16.10
C ARG A 63 7.51 10.36 -15.74
N CYS A 64 6.79 11.48 -15.78
CA CYS A 64 7.39 12.75 -15.42
C CYS A 64 7.69 12.77 -13.94
N LEU A 65 8.75 13.48 -13.60
CA LEU A 65 9.24 13.61 -12.23
C LEU A 65 8.14 13.92 -11.24
N GLN A 66 7.95 13.00 -10.29
CA GLN A 66 6.93 13.20 -9.29
C GLN A 66 7.34 12.57 -8.00
N ALA A 67 6.63 12.95 -6.94
CA ALA A 67 6.88 12.44 -5.62
C ALA A 67 6.31 11.04 -5.53
N THR A 68 6.90 10.23 -4.67
CA THR A 68 6.43 8.88 -4.44
C THR A 68 5.36 9.15 -3.38
N LEU A 69 5.35 8.46 -2.25
CA LEU A 69 4.33 8.77 -1.25
C LEU A 69 4.86 9.87 -0.34
N THR A 70 5.10 11.01 -1.01
CA THR A 70 5.60 12.26 -0.44
C THR A 70 6.90 12.23 0.40
N GLN A 71 7.41 11.02 0.64
CA GLN A 71 8.64 10.80 1.41
C GLN A 71 9.91 10.91 0.52
N ASP A 72 9.72 10.96 -0.79
CA ASP A 72 10.83 11.03 -1.71
C ASP A 72 10.28 11.16 -3.12
N SER A 73 10.92 12.00 -3.93
CA SER A 73 10.51 12.23 -5.32
C SER A 73 11.08 11.10 -6.18
N THR A 74 11.03 9.90 -5.63
CA THR A 74 11.56 8.72 -6.27
C THR A 74 10.81 8.22 -7.49
N TYR A 75 10.12 9.09 -8.22
CA TYR A 75 9.41 8.60 -9.37
C TYR A 75 9.64 9.45 -10.59
N GLY A 76 9.70 8.76 -11.72
CA GLY A 76 9.85 9.42 -13.01
C GLY A 76 11.09 10.23 -13.23
N ASN A 77 11.14 10.89 -14.38
CA ASN A 77 12.26 11.73 -14.76
C ASN A 77 11.77 12.82 -15.69
N GLU A 78 12.46 13.95 -15.64
CA GLU A 78 12.19 15.12 -16.44
C GLU A 78 11.84 14.79 -17.88
N ASP A 79 12.35 13.65 -18.34
CA ASP A 79 12.07 13.17 -19.70
C ASP A 79 10.91 12.18 -19.58
N CYS A 80 9.82 12.48 -20.26
CA CYS A 80 8.64 11.62 -20.18
C CYS A 80 7.58 11.93 -21.24
N LEU A 81 7.76 13.04 -21.96
CA LEU A 81 6.81 13.46 -23.00
C LEU A 81 6.73 12.55 -24.22
N TYR A 82 6.10 11.39 -24.02
CA TYR A 82 5.91 10.39 -25.07
C TYR A 82 4.42 10.01 -25.12
N LEU A 83 4.04 9.12 -26.04
CA LEU A 83 2.66 8.64 -26.18
C LEU A 83 2.66 7.17 -26.64
N ASN A 84 1.64 6.42 -26.26
CA ASN A 84 1.52 4.99 -26.61
C ASN A 84 0.28 4.74 -27.47
N ILE A 85 0.45 4.23 -28.68
CA ILE A 85 -0.69 3.98 -29.57
C ILE A 85 -1.10 2.52 -29.67
N TRP A 86 -2.41 2.26 -29.70
CA TRP A 86 -2.96 0.91 -29.88
C TRP A 86 -3.80 0.88 -31.16
N VAL A 87 -3.35 0.14 -32.18
CA VAL A 87 -4.11 0.06 -33.41
C VAL A 87 -4.61 -1.37 -33.58
N PRO A 88 -5.93 -1.58 -33.53
CA PRO A 88 -6.47 -2.93 -33.69
C PRO A 88 -6.24 -3.25 -35.15
N GLN A 89 -5.99 -4.52 -35.47
CA GLN A 89 -5.72 -4.88 -36.86
C GLN A 89 -6.63 -5.96 -37.44
N GLY A 90 -6.95 -5.81 -38.73
CA GLY A 90 -7.80 -6.75 -39.42
C GLY A 90 -7.07 -7.69 -40.37
N ARG A 91 -7.46 -8.96 -40.33
CA ARG A 91 -6.89 -10.04 -41.14
C ARG A 91 -6.60 -9.68 -42.60
N LYS A 92 -7.62 -9.24 -43.32
CA LYS A 92 -7.47 -8.87 -44.73
C LYS A 92 -6.36 -7.87 -44.97
N GLU A 93 -6.34 -6.81 -44.18
CA GLU A 93 -5.33 -5.77 -44.30
C GLU A 93 -5.40 -4.76 -43.15
N VAL A 94 -4.42 -3.86 -43.13
CA VAL A 94 -4.28 -2.83 -42.10
C VAL A 94 -5.43 -1.83 -41.99
N SER A 95 -5.77 -1.52 -40.73
CA SER A 95 -6.84 -0.59 -40.42
C SER A 95 -6.72 0.76 -41.11
N HIS A 96 -7.87 1.37 -41.38
CA HIS A 96 -7.91 2.64 -42.08
C HIS A 96 -9.04 3.55 -41.60
N ASP A 97 -8.80 4.85 -41.65
CA ASP A 97 -9.78 5.85 -41.24
C ASP A 97 -10.55 5.58 -39.94
N LEU A 98 -9.91 4.88 -39.00
CA LEU A 98 -10.52 4.56 -37.71
C LEU A 98 -10.66 5.80 -36.81
N PRO A 99 -11.47 5.68 -35.75
CA PRO A 99 -11.65 6.80 -34.84
C PRO A 99 -10.46 6.82 -33.88
N VAL A 100 -10.16 7.98 -33.31
CA VAL A 100 -9.03 8.12 -32.38
C VAL A 100 -9.51 8.60 -31.01
N MET A 101 -9.12 7.89 -29.95
CA MET A 101 -9.49 8.25 -28.59
C MET A 101 -8.27 8.45 -27.70
N ILE A 102 -7.91 9.71 -27.47
CA ILE A 102 -6.76 10.04 -26.65
C ILE A 102 -7.22 9.97 -25.18
N TRP A 103 -6.33 9.63 -24.26
CA TRP A 103 -6.71 9.56 -22.88
C TRP A 103 -5.75 10.34 -22.01
N ILE A 104 -6.33 11.17 -21.15
CA ILE A 104 -5.59 12.03 -20.23
C ILE A 104 -5.76 11.51 -18.83
N TYR A 105 -4.69 10.96 -18.27
CA TYR A 105 -4.72 10.40 -16.91
C TYR A 105 -4.93 11.47 -15.87
N GLY A 106 -5.38 11.05 -14.69
CA GLY A 106 -5.60 12.00 -13.62
C GLY A 106 -5.02 11.61 -12.27
N GLY A 107 -4.51 12.60 -11.54
CA GLY A 107 -3.94 12.35 -10.23
C GLY A 107 -3.76 13.66 -9.50
N ALA A 108 -4.88 14.37 -9.29
CA ALA A 108 -4.88 15.66 -8.60
C ALA A 108 -3.91 16.65 -9.24
N PHE A 109 -3.50 16.34 -10.47
CA PHE A 109 -2.56 17.15 -11.21
C PHE A 109 -1.16 17.01 -10.64
N LEU A 110 -1.02 16.26 -9.54
CA LEU A 110 0.28 16.07 -8.91
C LEU A 110 0.83 14.65 -9.01
N MET A 111 0.11 13.77 -9.69
CA MET A 111 0.49 12.36 -9.79
C MET A 111 0.10 11.82 -11.16
N GLY A 112 0.55 10.60 -11.49
CA GLY A 112 0.15 10.03 -12.77
C GLY A 112 1.19 9.60 -13.80
N ALA A 113 0.86 8.50 -14.47
CA ALA A 113 1.71 7.91 -15.50
C ALA A 113 0.81 7.46 -16.63
N SER A 114 1.22 7.68 -17.87
CA SER A 114 0.41 7.30 -19.03
C SER A 114 0.07 5.79 -19.08
N GLN A 115 0.89 5.01 -18.40
CA GLN A 115 0.72 3.56 -18.36
C GLN A 115 -0.36 3.14 -17.35
N GLY A 116 -0.54 3.97 -16.33
CA GLY A 116 -1.52 3.66 -15.30
C GLY A 116 -0.95 2.58 -14.40
N ALA A 117 -1.27 2.64 -13.11
CA ALA A 117 -0.79 1.66 -12.12
C ALA A 117 -0.89 0.27 -12.66
N ASN A 118 0.01 -0.59 -12.22
CA ASN A 118 -0.01 -1.95 -12.70
C ASN A 118 0.40 -2.98 -11.66
N PHE A 119 0.11 -4.23 -12.00
CA PHE A 119 0.46 -5.37 -11.18
C PHE A 119 0.83 -6.45 -12.18
N LEU A 120 2.12 -6.71 -12.30
CA LEU A 120 2.60 -7.73 -13.22
C LEU A 120 2.07 -7.47 -14.62
N SER A 121 2.48 -6.37 -15.21
CA SER A 121 2.06 -6.00 -16.56
C SER A 121 0.57 -5.69 -16.72
N ASN A 122 -0.17 -5.64 -15.62
CA ASN A 122 -1.59 -5.33 -15.70
C ASN A 122 -1.77 -3.82 -15.56
N TYR A 123 -1.49 -3.13 -16.66
CA TYR A 123 -1.58 -1.65 -16.75
C TYR A 123 -3.00 -1.08 -16.73
N LEU A 124 -3.32 -0.38 -15.65
CA LEU A 124 -4.63 0.23 -15.45
C LEU A 124 -5.20 0.99 -16.63
N TYR A 125 -4.34 1.46 -17.53
CA TYR A 125 -4.83 2.20 -18.68
C TYR A 125 -4.41 1.54 -19.98
N ASP A 126 -4.30 0.22 -19.98
CA ASP A 126 -3.92 -0.52 -21.19
C ASP A 126 -5.09 -0.35 -22.16
N GLY A 127 -4.86 0.37 -23.24
CA GLY A 127 -5.91 0.60 -24.23
C GLY A 127 -6.07 -0.51 -25.25
N GLU A 128 -6.00 -1.76 -24.83
CA GLU A 128 -6.19 -2.87 -25.76
C GLU A 128 -7.68 -3.19 -25.82
N GLU A 129 -8.24 -3.53 -24.67
CA GLU A 129 -9.66 -3.88 -24.56
C GLU A 129 -10.56 -2.83 -25.23
N ILE A 130 -10.43 -1.59 -24.79
CA ILE A 130 -11.21 -0.48 -25.34
C ILE A 130 -11.05 -0.35 -26.86
N ALA A 131 -9.86 -0.66 -27.37
CA ALA A 131 -9.60 -0.52 -28.80
C ALA A 131 -10.24 -1.65 -29.56
N THR A 132 -9.95 -2.88 -29.14
CA THR A 132 -10.47 -4.08 -29.78
C THR A 132 -11.99 -4.03 -29.99
N ARG A 133 -12.75 -4.11 -28.89
CA ARG A 133 -14.21 -4.11 -28.98
C ARG A 133 -14.73 -2.92 -29.74
N GLY A 134 -14.18 -1.77 -29.43
CA GLY A 134 -14.64 -0.57 -30.08
C GLY A 134 -14.21 -0.43 -31.51
N ASN A 135 -13.07 -1.04 -31.83
CA ASN A 135 -12.46 -0.95 -33.15
C ASN A 135 -12.06 0.51 -33.32
N VAL A 136 -11.39 1.01 -32.28
CA VAL A 136 -10.94 2.39 -32.24
C VAL A 136 -9.50 2.42 -31.70
N ILE A 137 -8.75 3.45 -32.09
CA ILE A 137 -7.35 3.60 -31.66
C ILE A 137 -7.26 4.34 -30.33
N VAL A 138 -6.66 3.69 -29.33
CA VAL A 138 -6.46 4.26 -28.00
C VAL A 138 -5.05 4.89 -27.95
N VAL A 139 -4.96 6.11 -27.43
CA VAL A 139 -3.69 6.83 -27.32
C VAL A 139 -3.56 7.29 -25.87
N THR A 140 -2.50 6.90 -25.19
CA THR A 140 -2.30 7.36 -23.82
C THR A 140 -1.02 8.18 -23.94
N PHE A 141 -0.84 9.21 -23.11
CA PHE A 141 0.38 10.04 -23.16
C PHE A 141 0.74 10.63 -21.78
N ASN A 142 1.99 11.02 -21.61
CA ASN A 142 2.49 11.60 -20.34
C ASN A 142 2.45 13.13 -20.37
N TYR A 143 2.34 13.74 -19.19
CA TYR A 143 2.33 15.20 -19.08
C TYR A 143 2.85 15.60 -17.69
N ARG A 144 3.47 16.78 -17.61
CA ARG A 144 4.03 17.25 -16.35
C ARG A 144 3.01 17.53 -15.24
N VAL A 145 3.23 16.88 -14.10
CA VAL A 145 2.39 17.04 -12.93
C VAL A 145 3.21 17.70 -11.81
N GLY A 146 2.59 17.87 -10.63
CA GLY A 146 3.28 18.50 -9.52
C GLY A 146 3.70 19.93 -9.80
N PRO A 147 4.48 20.53 -8.89
CA PRO A 147 4.92 21.92 -9.09
C PRO A 147 5.47 22.12 -10.48
N LEU A 148 6.26 21.17 -10.93
CA LEU A 148 6.88 21.28 -12.25
C LEU A 148 5.83 21.40 -13.37
N GLY A 149 4.66 20.84 -13.10
CA GLY A 149 3.61 20.88 -14.07
C GLY A 149 2.87 22.18 -14.09
N PHE A 150 2.50 22.68 -12.90
CA PHE A 150 1.71 23.91 -12.83
C PHE A 150 2.13 25.04 -11.87
N LEU A 151 3.42 25.11 -11.55
CA LEU A 151 3.93 26.14 -10.65
C LEU A 151 3.76 27.48 -11.35
N SER A 152 3.21 28.46 -10.65
CA SER A 152 2.99 29.77 -11.23
C SER A 152 3.13 30.92 -10.24
N THR A 153 3.56 32.07 -10.76
CA THR A 153 3.73 33.30 -9.99
C THR A 153 2.58 34.25 -10.30
N GLY A 154 1.72 33.83 -11.22
CA GLY A 154 0.57 34.63 -11.59
C GLY A 154 0.76 35.53 -12.78
N ASP A 155 1.99 35.91 -13.06
CA ASP A 155 2.26 36.79 -14.19
C ASP A 155 3.31 36.22 -15.12
N SER A 156 3.51 36.90 -16.25
CA SER A 156 4.45 36.48 -17.27
C SER A 156 5.83 35.97 -16.84
N ASN A 157 6.20 36.17 -15.59
CA ASN A 157 7.50 35.69 -15.14
C ASN A 157 7.50 34.17 -14.96
N LEU A 158 6.31 33.58 -14.90
CA LEU A 158 6.15 32.13 -14.71
C LEU A 158 4.65 31.81 -14.69
N PRO A 159 3.97 31.99 -15.83
CA PRO A 159 2.54 31.77 -16.07
C PRO A 159 1.90 30.49 -15.55
N GLY A 160 2.65 29.40 -15.56
CA GLY A 160 2.10 28.13 -15.11
C GLY A 160 1.39 27.43 -16.25
N ASN A 161 0.63 26.37 -15.93
CA ASN A 161 -0.11 25.58 -16.92
C ASN A 161 0.76 24.84 -17.91
N TYR A 162 1.98 24.48 -17.52
CA TYR A 162 2.88 23.79 -18.41
C TYR A 162 2.28 22.42 -18.75
N GLY A 163 1.86 21.70 -17.72
CA GLY A 163 1.23 20.40 -17.91
C GLY A 163 0.18 20.41 -19.01
N LEU A 164 -0.73 21.38 -18.98
CA LEU A 164 -1.76 21.46 -20.01
C LEU A 164 -1.14 21.59 -21.42
N TRP A 165 -0.15 22.47 -21.53
CA TRP A 165 0.54 22.65 -22.80
C TRP A 165 1.02 21.29 -23.31
N ASP A 166 1.63 20.51 -22.41
CA ASP A 166 2.11 19.19 -22.77
C ASP A 166 0.95 18.42 -23.36
N GLN A 167 -0.18 18.39 -22.64
CA GLN A 167 -1.37 17.69 -23.12
C GLN A 167 -1.71 18.19 -24.53
N HIS A 168 -1.74 19.50 -24.69
CA HIS A 168 -2.04 20.05 -25.99
C HIS A 168 -1.07 19.61 -27.06
N MET A 169 0.19 19.40 -26.66
CA MET A 169 1.24 18.98 -27.58
C MET A 169 0.96 17.56 -28.08
N ALA A 170 0.52 16.68 -27.17
CA ALA A 170 0.20 15.29 -27.53
C ALA A 170 -0.89 15.33 -28.60
N ILE A 171 -1.99 15.98 -28.27
CA ILE A 171 -3.13 16.10 -29.17
C ILE A 171 -2.64 16.59 -30.53
N ALA A 172 -1.86 17.66 -30.54
CA ALA A 172 -1.36 18.18 -31.80
C ALA A 172 -0.58 17.10 -32.53
N TRP A 173 0.22 16.33 -31.81
CA TRP A 173 0.99 15.28 -32.46
C TRP A 173 0.02 14.23 -33.03
N VAL A 174 -1.00 13.86 -32.26
CA VAL A 174 -1.94 12.85 -32.70
C VAL A 174 -2.81 13.35 -33.84
N LYS A 175 -2.88 14.66 -33.99
CA LYS A 175 -3.64 15.24 -35.09
C LYS A 175 -2.83 15.07 -36.37
N ARG A 176 -1.55 15.46 -36.30
CA ARG A 176 -0.63 15.39 -37.45
C ARG A 176 -0.26 13.97 -37.89
N ASN A 177 0.26 13.20 -36.95
CA ASN A 177 0.75 11.85 -37.23
C ASN A 177 -0.12 10.64 -36.93
N ILE A 178 -1.43 10.75 -37.08
CA ILE A 178 -2.24 9.57 -36.79
C ILE A 178 -2.69 8.81 -38.03
N GLU A 179 -2.81 9.53 -39.14
CA GLU A 179 -3.23 8.91 -40.40
C GLU A 179 -2.30 7.75 -40.79
N ALA A 180 -0.99 7.90 -40.55
CA ALA A 180 0.00 6.87 -40.87
C ALA A 180 -0.25 5.58 -40.08
N PHE A 181 -0.89 5.72 -38.93
CA PHE A 181 -1.20 4.55 -38.11
C PHE A 181 -2.57 4.01 -38.50
N GLY A 182 -3.23 4.73 -39.41
CA GLY A 182 -4.55 4.36 -39.88
C GLY A 182 -5.72 5.07 -39.22
N GLY A 183 -5.43 6.04 -38.37
CA GLY A 183 -6.49 6.76 -37.70
C GLY A 183 -7.09 7.85 -38.55
N ASP A 184 -8.21 8.40 -38.07
CA ASP A 184 -8.92 9.45 -38.76
C ASP A 184 -8.64 10.75 -38.06
N PRO A 185 -7.74 11.57 -38.64
CA PRO A 185 -7.33 12.88 -38.12
C PRO A 185 -8.48 13.74 -37.66
N ASP A 186 -9.51 13.82 -38.49
CA ASP A 186 -10.65 14.65 -38.16
C ASP A 186 -11.68 13.96 -37.27
N ASN A 187 -11.21 13.11 -36.36
CA ASN A 187 -12.11 12.41 -35.47
C ASN A 187 -11.37 12.08 -34.19
N ILE A 188 -10.85 13.12 -33.55
CA ILE A 188 -10.10 12.92 -32.31
C ILE A 188 -11.06 13.05 -31.13
N THR A 189 -10.99 12.08 -30.22
CA THR A 189 -11.85 12.07 -29.04
C THR A 189 -10.99 12.13 -27.80
N LEU A 190 -11.17 13.19 -27.02
CA LEU A 190 -10.45 13.40 -25.77
C LEU A 190 -11.28 12.79 -24.67
N PHE A 191 -10.67 12.03 -23.78
CA PHE A 191 -11.43 11.47 -22.69
C PHE A 191 -10.56 11.23 -21.48
N GLY A 192 -11.12 11.48 -20.31
CA GLY A 192 -10.35 11.28 -19.10
C GLY A 192 -11.10 11.53 -17.82
N GLU A 193 -10.70 10.83 -16.78
CA GLU A 193 -11.31 10.96 -15.48
C GLU A 193 -10.57 12.01 -14.59
N SER A 194 -11.20 12.42 -13.47
CA SER A 194 -10.66 13.40 -12.51
C SER A 194 -9.92 14.58 -13.11
N ALA A 195 -8.66 14.79 -12.68
CA ALA A 195 -7.84 15.85 -13.22
C ALA A 195 -7.92 15.74 -14.74
N GLY A 196 -8.00 14.50 -15.21
CA GLY A 196 -8.12 14.24 -16.63
C GLY A 196 -9.42 14.81 -17.15
N GLY A 197 -10.50 14.56 -16.42
CA GLY A 197 -11.80 15.08 -16.80
C GLY A 197 -11.75 16.60 -16.86
N ALA A 198 -11.14 17.22 -15.86
CA ALA A 198 -10.98 18.67 -15.80
C ALA A 198 -10.09 19.11 -16.95
N SER A 199 -9.13 18.27 -17.31
CA SER A 199 -8.21 18.53 -18.39
C SER A 199 -8.93 18.43 -19.72
N VAL A 200 -9.82 17.43 -19.86
CA VAL A 200 -10.58 17.24 -21.10
C VAL A 200 -11.30 18.56 -21.37
N SER A 201 -12.02 19.01 -20.34
CA SER A 201 -12.79 20.24 -20.36
C SER A 201 -11.89 21.40 -20.73
N LEU A 202 -10.85 21.61 -19.94
CA LEU A 202 -9.96 22.72 -20.20
C LEU A 202 -9.44 22.74 -21.63
N GLN A 203 -9.12 21.57 -22.16
CA GLN A 203 -8.59 21.46 -23.53
C GLN A 203 -9.62 21.92 -24.59
N THR A 204 -10.87 21.50 -24.42
CA THR A 204 -11.88 21.89 -25.36
C THR A 204 -12.10 23.39 -25.29
N LEU A 205 -12.13 23.91 -24.07
CA LEU A 205 -12.35 25.34 -23.83
C LEU A 205 -11.20 26.21 -24.28
N SER A 206 -10.00 25.69 -24.24
CA SER A 206 -8.82 26.45 -24.63
C SER A 206 -8.84 26.71 -26.12
N PRO A 207 -8.67 27.98 -26.53
CA PRO A 207 -8.66 28.42 -27.93
C PRO A 207 -7.50 27.89 -28.77
N TYR A 208 -6.56 27.23 -28.11
CA TYR A 208 -5.39 26.66 -28.79
C TYR A 208 -5.72 25.36 -29.52
N ASN A 209 -6.72 24.65 -29.02
CA ASN A 209 -7.11 23.39 -29.64
C ASN A 209 -8.22 23.62 -30.66
N LYS A 210 -8.22 24.82 -31.22
CA LYS A 210 -9.19 25.27 -32.21
C LYS A 210 -9.91 24.18 -32.98
N GLY A 211 -9.21 23.53 -33.91
CA GLY A 211 -9.83 22.49 -34.71
C GLY A 211 -9.26 21.09 -34.53
N LEU A 212 -8.74 20.78 -33.34
CA LEU A 212 -8.14 19.48 -33.10
C LEU A 212 -9.09 18.46 -32.50
N ILE A 213 -9.90 18.89 -31.53
CA ILE A 213 -10.82 17.98 -30.87
C ILE A 213 -12.19 17.91 -31.52
N LYS A 214 -12.72 16.69 -31.67
CA LYS A 214 -14.01 16.50 -32.28
C LYS A 214 -14.99 16.05 -31.23
N ARG A 215 -14.54 15.17 -30.35
CA ARG A 215 -15.40 14.66 -29.28
C ARG A 215 -14.68 14.85 -27.97
N ALA A 216 -15.41 14.84 -26.85
CA ALA A 216 -14.82 15.02 -25.54
C ALA A 216 -15.59 14.27 -24.46
N ILE A 217 -14.89 13.69 -23.50
CA ILE A 217 -15.57 12.97 -22.42
C ILE A 217 -14.92 13.23 -21.05
N SER A 218 -15.64 13.99 -20.22
CA SER A 218 -15.17 14.30 -18.87
C SER A 218 -15.85 13.31 -17.94
N GLN A 219 -15.14 12.85 -16.92
CA GLN A 219 -15.71 11.90 -15.96
C GLN A 219 -15.18 12.26 -14.58
N SER A 220 -16.07 12.43 -13.60
CA SER A 220 -15.66 12.79 -12.24
C SER A 220 -14.71 14.01 -12.16
N GLY A 221 -14.87 14.93 -13.11
CA GLY A 221 -14.06 16.12 -13.14
C GLY A 221 -14.34 17.03 -14.32
N VAL A 222 -14.48 18.32 -14.04
CA VAL A 222 -14.70 19.32 -15.07
C VAL A 222 -14.01 20.64 -14.68
N GLY A 223 -13.62 21.42 -15.68
CA GLY A 223 -12.92 22.67 -15.47
C GLY A 223 -13.55 23.59 -14.44
N LEU A 224 -14.87 23.57 -14.37
CA LEU A 224 -15.56 24.40 -13.42
C LEU A 224 -15.46 23.89 -11.99
N CYS A 225 -14.66 22.85 -11.74
CA CYS A 225 -14.57 22.37 -10.38
C CYS A 225 -13.70 23.27 -9.51
N PRO A 226 -14.02 23.34 -8.22
CA PRO A 226 -13.27 24.17 -7.29
C PRO A 226 -11.78 23.84 -7.30
N TRP A 227 -11.48 22.56 -7.24
CA TRP A 227 -10.10 22.08 -7.24
C TRP A 227 -9.38 22.18 -8.59
N ALA A 228 -10.12 22.45 -9.66
CA ALA A 228 -9.54 22.55 -11.00
C ALA A 228 -8.86 23.84 -11.44
N ILE A 229 -8.70 24.83 -10.57
CA ILE A 229 -8.02 26.08 -10.96
C ILE A 229 -7.49 26.74 -9.69
N GLN A 230 -6.28 27.30 -9.77
CA GLN A 230 -5.68 27.96 -8.62
C GLN A 230 -5.89 29.45 -8.68
N GLN A 231 -6.66 29.96 -7.72
CA GLN A 231 -6.99 31.38 -7.65
C GLN A 231 -5.86 32.29 -7.20
N ASP A 232 -5.06 31.82 -6.27
CA ASP A 232 -3.94 32.58 -5.75
C ASP A 232 -2.67 31.73 -5.89
N PRO A 233 -2.13 31.64 -7.12
CA PRO A 233 -0.92 30.85 -7.32
C PRO A 233 0.34 31.43 -6.66
N LEU A 234 0.52 32.75 -6.76
CA LEU A 234 1.69 33.41 -6.19
C LEU A 234 1.88 33.15 -4.70
N PHE A 235 0.78 32.81 -4.01
CA PHE A 235 0.86 32.50 -2.58
C PHE A 235 1.67 31.22 -2.41
N TRP A 236 1.49 30.29 -3.34
CA TRP A 236 2.21 29.03 -3.27
C TRP A 236 3.57 29.09 -3.93
N ALA A 237 3.74 29.95 -4.93
CA ALA A 237 5.05 30.08 -5.57
C ALA A 237 6.02 30.55 -4.47
N LYS A 238 5.62 31.57 -3.72
CA LYS A 238 6.43 32.10 -2.61
C LYS A 238 6.81 31.02 -1.60
N ARG A 239 5.90 30.10 -1.34
CA ARG A 239 6.13 29.02 -0.39
C ARG A 239 7.26 28.10 -0.86
N ILE A 240 7.14 27.59 -2.08
CA ILE A 240 8.16 26.70 -2.62
C ILE A 240 9.49 27.45 -2.59
N ALA A 241 9.45 28.71 -3.00
CA ALA A 241 10.62 29.58 -3.02
C ALA A 241 11.32 29.56 -1.68
N GLU A 242 10.62 29.97 -0.62
CA GLU A 242 11.22 30.01 0.71
C GLU A 242 11.83 28.67 1.08
N LYS A 243 11.26 27.59 0.59
CA LYS A 243 11.80 26.26 0.85
C LYS A 243 13.08 25.99 0.07
N VAL A 244 13.12 26.43 -1.18
CA VAL A 244 14.30 26.22 -2.02
C VAL A 244 15.28 27.41 -1.96
N GLY A 245 15.14 28.22 -0.91
CA GLY A 245 16.00 29.37 -0.74
C GLY A 245 16.11 30.35 -1.90
N CYS A 246 14.98 30.76 -2.44
CA CYS A 246 14.99 31.72 -3.53
C CYS A 246 14.47 33.04 -3.03
N PRO A 247 14.73 34.10 -3.78
CA PRO A 247 14.24 35.41 -3.36
C PRO A 247 12.72 35.49 -3.59
N VAL A 248 11.96 35.67 -2.52
CA VAL A 248 10.50 35.77 -2.61
C VAL A 248 10.06 37.20 -2.76
N ASP A 249 11.03 38.11 -2.81
CA ASP A 249 10.78 39.54 -2.90
C ASP A 249 10.52 40.12 -4.27
N ASP A 250 10.37 39.26 -5.27
CA ASP A 250 10.10 39.73 -6.61
C ASP A 250 9.90 38.55 -7.53
N THR A 251 8.83 38.58 -8.29
CA THR A 251 8.49 37.51 -9.24
C THR A 251 9.63 37.20 -10.19
N SER A 252 10.13 38.23 -10.88
CA SER A 252 11.24 38.05 -11.81
C SER A 252 12.40 37.35 -11.08
N LYS A 253 12.71 37.82 -9.88
CA LYS A 253 13.77 37.18 -9.11
C LYS A 253 13.41 35.73 -8.78
N MET A 254 12.17 35.49 -8.35
CA MET A 254 11.71 34.13 -8.02
C MET A 254 11.87 33.21 -9.22
N ALA A 255 11.17 33.57 -10.29
CA ALA A 255 11.19 32.82 -11.53
C ALA A 255 12.61 32.41 -11.91
N GLY A 256 13.46 33.40 -12.18
CA GLY A 256 14.83 33.15 -12.56
C GLY A 256 15.45 32.09 -11.67
N CYS A 257 15.08 32.15 -10.41
CA CYS A 257 15.58 31.22 -9.43
C CYS A 257 14.98 29.84 -9.59
N LEU A 258 13.67 29.75 -9.50
CA LEU A 258 12.99 28.46 -9.59
C LEU A 258 13.40 27.64 -10.80
N LYS A 259 13.55 28.29 -11.95
CA LYS A 259 13.94 27.58 -13.16
C LYS A 259 15.34 26.95 -13.05
N ILE A 260 16.15 27.51 -12.17
CA ILE A 260 17.51 27.06 -11.92
C ILE A 260 17.52 25.96 -10.85
N THR A 261 16.44 25.84 -10.08
CA THR A 261 16.43 24.87 -9.01
C THR A 261 16.30 23.41 -9.43
N ASP A 262 16.88 22.54 -8.59
CA ASP A 262 16.87 21.10 -8.81
C ASP A 262 15.44 20.59 -8.73
N PRO A 263 14.91 20.10 -9.85
CA PRO A 263 13.55 19.59 -9.92
C PRO A 263 13.17 18.68 -8.76
N ARG A 264 14.07 17.83 -8.30
CA ARG A 264 13.73 16.94 -7.19
C ARG A 264 13.38 17.70 -5.91
N ALA A 265 14.11 18.78 -5.67
CA ALA A 265 13.88 19.62 -4.50
C ALA A 265 12.63 20.48 -4.71
N LEU A 266 12.46 20.90 -5.97
CA LEU A 266 11.32 21.73 -6.38
C LEU A 266 10.02 20.93 -6.19
N THR A 267 10.10 19.62 -6.42
CA THR A 267 8.99 18.66 -6.29
C THR A 267 8.73 18.32 -4.81
N LEU A 268 9.76 17.90 -4.12
CA LEU A 268 9.65 17.54 -2.72
C LEU A 268 9.41 18.69 -1.75
N ALA A 269 9.34 19.91 -2.28
CA ALA A 269 9.09 21.07 -1.44
C ALA A 269 7.63 21.06 -0.99
N TYR A 270 6.75 20.59 -1.87
CA TYR A 270 5.33 20.53 -1.58
C TYR A 270 4.93 19.14 -1.07
N LYS A 271 4.14 19.12 -0.01
CA LYS A 271 3.71 17.86 0.58
C LYS A 271 2.27 17.96 1.08
N LEU A 272 1.33 17.28 0.42
CA LEU A 272 -0.06 17.33 0.84
C LEU A 272 -0.18 16.54 2.14
N PRO A 273 -0.78 17.14 3.17
CA PRO A 273 -0.99 16.57 4.50
C PRO A 273 -1.49 15.14 4.65
N LEU A 274 -2.79 14.92 4.44
CA LEU A 274 -3.40 13.59 4.63
C LEU A 274 -3.32 13.22 6.11
N GLY A 275 -3.78 14.13 6.95
CA GLY A 275 -3.76 13.92 8.38
C GLY A 275 -4.62 15.02 8.98
N SER A 276 -4.90 14.92 10.26
CA SER A 276 -5.72 15.90 10.96
C SER A 276 -5.40 17.35 10.62
N THR A 277 -6.20 17.95 9.75
CA THR A 277 -6.00 19.34 9.36
C THR A 277 -7.22 20.20 9.66
N GLU A 278 -6.97 21.43 10.12
CA GLU A 278 -8.04 22.36 10.48
C GLU A 278 -9.05 22.57 9.35
N TYR A 279 -8.52 22.70 8.14
CA TYR A 279 -9.34 22.92 6.95
C TYR A 279 -9.52 21.66 6.14
N PRO A 280 -10.64 21.55 5.40
CA PRO A 280 -10.84 20.35 4.59
C PRO A 280 -9.79 20.32 3.45
N LYS A 281 -9.25 19.14 3.21
CA LYS A 281 -8.20 18.94 2.21
C LYS A 281 -8.28 19.69 0.87
N LEU A 282 -9.46 20.10 0.45
CA LEU A 282 -9.58 20.83 -0.82
C LEU A 282 -8.64 22.02 -0.82
N HIS A 283 -8.38 22.57 0.36
CA HIS A 283 -7.53 23.75 0.48
C HIS A 283 -6.03 23.54 0.31
N TYR A 284 -5.60 22.30 0.24
CA TYR A 284 -4.19 22.02 0.12
C TYR A 284 -3.72 21.74 -1.28
N LEU A 285 -4.64 21.34 -2.16
CA LEU A 285 -4.29 21.09 -3.55
C LEU A 285 -3.82 22.48 -3.98
N SER A 286 -2.59 22.58 -4.45
CA SER A 286 -2.09 23.88 -4.81
C SER A 286 -1.72 23.99 -6.26
N PHE A 287 -0.98 23.01 -6.74
CA PHE A 287 -0.51 23.03 -8.11
C PHE A 287 -1.47 22.33 -9.06
N VAL A 288 -2.29 23.16 -9.73
CA VAL A 288 -3.30 22.77 -10.73
C VAL A 288 -3.34 23.94 -11.72
N PRO A 289 -4.17 23.87 -12.78
CA PRO A 289 -4.20 24.99 -13.74
C PRO A 289 -4.55 26.33 -13.12
N VAL A 290 -4.41 27.37 -13.91
CA VAL A 290 -4.73 28.72 -13.48
C VAL A 290 -5.19 29.45 -14.73
N ILE A 291 -5.69 30.68 -14.59
CA ILE A 291 -6.10 31.45 -15.76
C ILE A 291 -4.86 32.23 -16.20
N ASP A 292 -4.58 32.20 -17.50
CA ASP A 292 -3.45 32.93 -18.02
C ASP A 292 -4.00 33.72 -19.18
N GLY A 293 -3.21 34.61 -19.74
CA GLY A 293 -3.73 35.39 -20.84
C GLY A 293 -3.94 34.66 -22.17
N ASP A 294 -3.50 33.41 -22.28
CA ASP A 294 -3.64 32.70 -23.55
C ASP A 294 -4.23 31.29 -23.59
N PHE A 295 -3.77 30.38 -22.75
CA PHE A 295 -4.33 29.05 -22.79
C PHE A 295 -5.76 29.08 -22.29
N ILE A 296 -5.95 29.30 -20.99
CA ILE A 296 -7.28 29.42 -20.43
C ILE A 296 -7.34 30.93 -20.20
N PRO A 297 -7.80 31.69 -21.22
CA PRO A 297 -7.91 33.16 -21.20
C PRO A 297 -8.79 33.79 -20.13
N ASP A 298 -9.99 33.25 -19.98
CA ASP A 298 -10.96 33.75 -19.02
C ASP A 298 -11.32 32.63 -18.05
N ASP A 299 -12.36 32.86 -17.25
CA ASP A 299 -12.86 31.86 -16.32
C ASP A 299 -13.47 30.81 -17.28
N PRO A 300 -13.23 29.52 -17.03
CA PRO A 300 -13.77 28.47 -17.91
C PRO A 300 -15.26 28.61 -18.24
N VAL A 301 -16.04 29.09 -17.27
CA VAL A 301 -17.49 29.28 -17.45
C VAL A 301 -17.81 30.25 -18.59
N ASN A 302 -16.85 31.10 -18.94
CA ASN A 302 -17.07 32.06 -20.00
C ASN A 302 -16.48 31.65 -21.35
N LEU A 303 -15.72 30.55 -21.35
CA LEU A 303 -15.08 30.07 -22.58
C LEU A 303 -15.86 29.06 -23.41
N TYR A 304 -16.99 28.60 -22.89
CA TYR A 304 -17.78 27.58 -23.57
C TYR A 304 -18.18 27.76 -25.01
N ALA A 305 -17.86 28.92 -25.60
CA ALA A 305 -18.19 29.12 -27.00
C ALA A 305 -17.35 28.18 -27.83
N ASN A 306 -16.11 27.98 -27.39
CA ASN A 306 -15.16 27.11 -28.09
C ASN A 306 -15.57 25.64 -28.23
N ALA A 307 -16.22 25.07 -27.23
CA ALA A 307 -16.64 23.67 -27.31
C ALA A 307 -18.00 23.50 -28.00
N ALA A 308 -18.48 24.57 -28.64
CA ALA A 308 -19.76 24.58 -29.35
C ALA A 308 -19.93 23.48 -30.39
N ASP A 309 -18.87 23.18 -31.13
CA ASP A 309 -18.92 22.14 -32.14
C ASP A 309 -18.13 20.92 -31.70
N VAL A 310 -18.11 20.67 -30.40
CA VAL A 310 -17.41 19.53 -29.84
C VAL A 310 -18.40 18.72 -29.07
N ASP A 311 -18.76 17.56 -29.60
CA ASP A 311 -19.70 16.66 -28.94
C ASP A 311 -19.12 16.49 -27.55
N TYR A 312 -19.95 16.31 -26.55
CA TYR A 312 -19.41 16.22 -25.22
C TYR A 312 -20.25 15.33 -24.33
N ILE A 313 -19.62 14.74 -23.33
CA ILE A 313 -20.29 13.89 -22.34
C ILE A 313 -19.60 14.22 -21.04
N ALA A 314 -20.35 14.18 -19.94
CA ALA A 314 -19.82 14.48 -18.62
C ALA A 314 -20.67 13.70 -17.62
N GLY A 315 -20.05 13.19 -16.57
CA GLY A 315 -20.83 12.42 -15.62
C GLY A 315 -20.20 12.44 -14.25
N THR A 316 -20.81 11.70 -13.33
CA THR A 316 -20.35 11.64 -11.94
C THR A 316 -20.75 10.34 -11.29
N ASN A 317 -19.98 9.87 -10.34
CA ASN A 317 -20.32 8.63 -9.66
C ASN A 317 -21.14 9.06 -8.47
N ASP A 318 -22.33 8.50 -8.31
CA ASP A 318 -23.20 8.91 -7.23
C ASP A 318 -22.54 9.28 -5.90
N MET A 319 -21.52 8.53 -5.48
CA MET A 319 -20.85 8.87 -4.22
C MET A 319 -19.40 9.27 -4.41
N ASP A 320 -19.14 9.95 -5.53
CA ASP A 320 -17.82 10.44 -5.94
C ASP A 320 -16.94 11.00 -4.83
N GLY A 321 -17.51 11.90 -4.04
CA GLY A 321 -16.76 12.51 -2.97
C GLY A 321 -16.59 11.71 -1.70
N HIS A 322 -16.98 10.44 -1.74
CA HIS A 322 -16.84 9.61 -0.56
C HIS A 322 -15.37 9.47 -0.14
N LEU A 323 -14.53 9.24 -1.14
CA LEU A 323 -13.09 9.07 -0.96
C LEU A 323 -12.56 10.17 -0.09
N PHE A 324 -12.80 11.37 -0.55
CA PHE A 324 -12.37 12.58 0.09
C PHE A 324 -12.95 12.84 1.45
N VAL A 325 -14.27 12.89 1.55
CA VAL A 325 -14.89 13.13 2.84
C VAL A 325 -14.44 12.09 3.85
N GLY A 326 -13.86 11.00 3.36
CA GLY A 326 -13.36 9.97 4.25
C GLY A 326 -12.22 10.59 5.07
N MET A 327 -11.23 11.15 4.38
CA MET A 327 -10.09 11.78 5.05
C MET A 327 -10.52 13.01 5.82
N ASP A 328 -11.46 13.76 5.26
CA ASP A 328 -11.96 14.95 5.94
C ASP A 328 -12.67 14.54 7.24
N VAL A 329 -13.50 13.51 7.18
CA VAL A 329 -14.20 13.05 8.37
C VAL A 329 -14.32 11.56 8.31
N PRO A 330 -13.91 10.86 9.37
CA PRO A 330 -14.00 9.40 9.42
C PRO A 330 -15.48 8.94 9.64
N ALA A 331 -16.35 9.33 8.71
CA ALA A 331 -17.78 9.01 8.73
C ALA A 331 -17.94 7.52 8.55
N ILE A 332 -17.24 7.01 7.54
CA ILE A 332 -17.21 5.60 7.12
C ILE A 332 -17.34 4.60 8.28
N ASN A 333 -16.97 5.01 9.49
CA ASN A 333 -17.11 4.08 10.61
C ASN A 333 -18.55 4.05 11.04
N SER A 334 -19.42 3.52 10.17
CA SER A 334 -20.86 3.39 10.45
C SER A 334 -20.94 2.22 11.42
N ASN A 335 -20.11 2.31 12.44
CA ASN A 335 -19.98 1.30 13.47
C ASN A 335 -20.10 1.93 14.83
N LYS A 336 -18.94 2.24 15.40
CA LYS A 336 -18.85 2.81 16.72
C LYS A 336 -19.18 4.28 16.76
N GLN A 337 -18.26 5.04 16.20
CA GLN A 337 -18.38 6.46 16.20
C GLN A 337 -19.53 7.01 15.41
N ASP A 338 -19.91 8.19 15.82
CA ASP A 338 -21.02 8.87 15.17
C ASP A 338 -20.79 10.35 15.00
N VAL A 339 -21.16 10.82 13.82
CA VAL A 339 -21.02 12.23 13.48
C VAL A 339 -22.15 13.05 14.09
N THR A 340 -21.89 14.32 14.38
CA THR A 340 -22.92 15.18 14.97
C THR A 340 -23.21 16.44 14.14
N GLU A 341 -24.17 17.23 14.62
CA GLU A 341 -24.58 18.47 13.96
C GLU A 341 -23.41 19.44 13.87
N GLU A 342 -22.60 19.46 14.92
CA GLU A 342 -21.43 20.33 15.02
C GLU A 342 -20.37 19.88 14.02
N ASP A 343 -20.15 18.56 13.92
CA ASP A 343 -19.17 18.00 12.99
C ASP A 343 -19.58 18.29 11.57
N PHE A 344 -20.89 18.30 11.33
CA PHE A 344 -21.40 18.60 10.00
C PHE A 344 -21.27 20.11 9.76
N TYR A 345 -21.62 20.91 10.74
CA TYR A 345 -21.51 22.35 10.60
C TYR A 345 -20.09 22.76 10.28
N LYS A 346 -19.14 22.28 11.09
CA LYS A 346 -17.73 22.59 10.89
C LYS A 346 -17.36 22.30 9.43
N LEU A 347 -17.77 21.13 8.93
CA LEU A 347 -17.47 20.72 7.56
C LEU A 347 -17.99 21.80 6.59
N VAL A 348 -19.27 22.12 6.73
CA VAL A 348 -19.90 23.12 5.89
C VAL A 348 -19.12 24.45 5.97
N SER A 349 -18.71 24.83 7.17
CA SER A 349 -17.96 26.07 7.38
C SER A 349 -16.72 26.03 6.51
N GLY A 350 -15.91 24.99 6.69
CA GLY A 350 -14.68 24.87 5.95
C GLY A 350 -14.86 24.78 4.45
N LEU A 351 -16.00 24.28 4.00
CA LEU A 351 -16.23 24.17 2.58
C LEU A 351 -16.88 25.41 1.97
N THR A 352 -17.22 26.39 2.80
CA THR A 352 -17.87 27.61 2.34
C THR A 352 -17.05 28.90 2.51
N VAL A 353 -15.91 28.77 3.18
CA VAL A 353 -14.97 29.86 3.48
C VAL A 353 -15.08 31.14 2.66
N THR A 354 -15.24 31.00 1.35
CA THR A 354 -15.34 32.17 0.50
C THR A 354 -16.48 33.11 0.86
N LYS A 355 -17.62 32.55 1.27
CA LYS A 355 -18.79 33.35 1.62
C LYS A 355 -19.03 33.52 3.10
N GLY A 356 -18.10 32.99 3.90
CA GLY A 356 -18.17 33.12 5.35
C GLY A 356 -19.36 32.52 6.07
N LEU A 357 -19.56 32.96 7.32
CA LEU A 357 -20.67 32.47 8.14
C LEU A 357 -22.01 32.66 7.45
N ARG A 358 -22.14 33.73 6.68
CA ARG A 358 -23.38 33.98 5.96
C ARG A 358 -23.67 32.72 5.15
N GLY A 359 -22.77 32.39 4.24
CA GLY A 359 -22.93 31.21 3.41
C GLY A 359 -22.93 29.90 4.17
N ALA A 360 -22.20 29.87 5.28
CA ALA A 360 -22.10 28.67 6.09
C ALA A 360 -23.41 28.21 6.69
N ASN A 361 -24.03 29.07 7.51
CA ASN A 361 -25.28 28.70 8.17
C ASN A 361 -26.40 28.53 7.14
N ALA A 362 -26.34 29.29 6.05
CA ALA A 362 -27.33 29.17 4.99
C ALA A 362 -27.23 27.75 4.42
N THR A 363 -26.04 27.38 3.98
CA THR A 363 -25.82 26.06 3.41
C THR A 363 -26.19 24.97 4.38
N TYR A 364 -25.79 25.14 5.63
CA TYR A 364 -26.11 24.15 6.66
C TYR A 364 -27.59 23.81 6.61
N GLU A 365 -28.42 24.84 6.63
CA GLU A 365 -29.86 24.66 6.60
C GLU A 365 -30.29 23.86 5.38
N VAL A 366 -29.93 24.34 4.19
CA VAL A 366 -30.33 23.67 2.96
C VAL A 366 -29.92 22.22 2.88
N TYR A 367 -28.83 21.83 3.52
CA TYR A 367 -28.43 20.43 3.48
C TYR A 367 -29.02 19.66 4.67
N THR A 368 -29.50 20.39 5.67
CA THR A 368 -30.11 19.78 6.84
C THR A 368 -31.67 19.76 6.83
N GLU A 369 -32.27 19.91 5.64
CA GLU A 369 -33.73 19.88 5.52
C GLU A 369 -34.33 18.61 6.15
N PRO A 370 -33.87 17.43 5.71
CA PRO A 370 -34.37 16.16 6.25
C PRO A 370 -33.76 15.87 7.64
N TRP A 371 -34.10 14.71 8.19
CA TRP A 371 -33.64 14.38 9.54
C TRP A 371 -33.44 12.89 9.85
N ALA A 372 -32.79 12.67 11.00
CA ALA A 372 -32.47 11.34 11.52
C ALA A 372 -31.60 11.62 12.73
N GLN A 373 -32.10 11.31 13.92
CA GLN A 373 -31.35 11.54 15.14
C GLN A 373 -30.05 10.75 15.19
N ASP A 374 -29.42 10.78 16.36
CA ASP A 374 -28.16 10.06 16.57
C ASP A 374 -28.36 8.57 16.35
N SER A 375 -29.58 8.11 16.59
CA SER A 375 -29.93 6.72 16.39
C SER A 375 -29.90 6.36 14.89
N SER A 376 -30.22 7.35 14.04
CA SER A 376 -30.24 7.18 12.58
C SER A 376 -29.12 7.94 11.86
N GLN A 377 -27.93 7.91 12.48
CA GLN A 377 -26.72 8.54 11.98
C GLN A 377 -26.52 8.46 10.48
N GLU A 378 -26.83 7.30 9.92
CA GLU A 378 -26.66 7.02 8.50
C GLU A 378 -27.02 8.17 7.55
N THR A 379 -28.11 8.86 7.83
CA THR A 379 -28.50 9.95 6.95
C THR A 379 -27.50 11.09 7.06
N ARG A 380 -26.96 11.32 8.26
CA ARG A 380 -25.97 12.38 8.49
C ARG A 380 -24.68 12.07 7.74
N LYS A 381 -24.09 10.92 8.04
CA LYS A 381 -22.86 10.47 7.39
C LYS A 381 -23.00 10.50 5.86
N LYS A 382 -24.18 10.13 5.36
CA LYS A 382 -24.46 10.15 3.93
C LYS A 382 -24.50 11.59 3.42
N THR A 383 -25.12 12.48 4.19
CA THR A 383 -25.22 13.89 3.83
C THR A 383 -23.85 14.53 3.60
N MET A 384 -22.91 14.24 4.48
CA MET A 384 -21.57 14.76 4.34
C MET A 384 -21.05 14.28 2.99
N VAL A 385 -21.25 12.99 2.71
CA VAL A 385 -20.81 12.39 1.46
C VAL A 385 -21.44 13.14 0.30
N ASP A 386 -22.66 13.61 0.54
CA ASP A 386 -23.40 14.34 -0.46
C ASP A 386 -22.86 15.76 -0.61
N LEU A 387 -22.46 16.35 0.52
CA LEU A 387 -21.93 17.72 0.52
C LEU A 387 -20.70 17.77 -0.38
N GLU A 388 -19.75 16.87 -0.10
CA GLU A 388 -18.52 16.82 -0.86
C GLU A 388 -18.80 16.51 -2.33
N THR A 389 -19.66 15.53 -2.59
CA THR A 389 -20.02 15.13 -3.95
C THR A 389 -20.59 16.29 -4.76
N ASP A 390 -21.36 17.14 -4.09
CA ASP A 390 -21.96 18.28 -4.74
C ASP A 390 -20.95 19.34 -5.16
N ILE A 391 -20.24 19.92 -4.20
CA ILE A 391 -19.25 20.97 -4.49
C ILE A 391 -18.06 20.47 -5.29
N LEU A 392 -17.53 19.32 -4.92
CA LEU A 392 -16.36 18.74 -5.62
C LEU A 392 -16.63 18.25 -7.06
N PHE A 393 -17.77 17.60 -7.31
CA PHE A 393 -18.05 17.08 -8.65
C PHE A 393 -19.42 17.34 -9.27
N LEU A 394 -20.48 16.96 -8.55
CA LEU A 394 -21.82 17.13 -9.10
C LEU A 394 -22.17 18.51 -9.62
N ILE A 395 -22.24 19.49 -8.75
CA ILE A 395 -22.63 20.82 -9.18
C ILE A 395 -21.76 21.41 -10.28
N PRO A 396 -20.42 21.31 -10.14
CA PRO A 396 -19.61 21.89 -11.20
C PRO A 396 -19.95 21.22 -12.53
N THR A 397 -20.07 19.89 -12.51
CA THR A 397 -20.40 19.11 -13.71
C THR A 397 -21.75 19.54 -14.26
N LYS A 398 -22.72 19.65 -13.35
CA LYS A 398 -24.09 20.02 -13.68
C LYS A 398 -24.16 21.36 -14.40
N ILE A 399 -23.26 22.26 -14.05
CA ILE A 399 -23.22 23.56 -14.70
C ILE A 399 -22.41 23.45 -16.00
N ALA A 400 -21.50 22.48 -16.06
CA ALA A 400 -20.67 22.28 -17.22
C ALA A 400 -21.48 21.79 -18.40
N VAL A 401 -22.25 20.73 -18.16
CA VAL A 401 -23.07 20.13 -19.21
C VAL A 401 -24.13 21.14 -19.65
N ALA A 402 -24.81 21.71 -18.66
CA ALA A 402 -25.86 22.70 -18.89
C ALA A 402 -25.30 23.84 -19.73
N GLN A 403 -24.12 24.30 -19.33
CA GLN A 403 -23.43 25.38 -20.01
C GLN A 403 -23.09 25.02 -21.46
N HIS A 404 -22.64 23.77 -21.66
CA HIS A 404 -22.27 23.28 -22.99
C HIS A 404 -23.49 23.28 -23.87
N LYS A 405 -24.58 22.72 -23.34
CA LYS A 405 -25.84 22.60 -24.05
C LYS A 405 -26.30 23.95 -24.58
N SER A 406 -26.33 24.95 -23.70
CA SER A 406 -26.78 26.27 -24.09
C SER A 406 -25.89 26.88 -25.18
N HIS A 407 -24.63 26.48 -25.21
CA HIS A 407 -23.69 27.01 -26.19
C HIS A 407 -23.41 26.15 -27.41
N ALA A 408 -23.99 24.95 -27.45
CA ALA A 408 -23.76 24.03 -28.56
C ALA A 408 -24.31 24.50 -29.89
N LYS A 409 -23.43 24.69 -30.87
CA LYS A 409 -23.85 25.11 -32.21
C LYS A 409 -24.45 23.90 -32.86
N SER A 410 -23.63 22.88 -33.05
CA SER A 410 -24.08 21.64 -33.63
C SER A 410 -23.22 20.59 -32.96
N ALA A 411 -23.62 20.22 -31.75
CA ALA A 411 -22.87 19.22 -30.99
C ALA A 411 -23.74 18.60 -29.91
N ASN A 412 -23.86 17.30 -29.95
CA ASN A 412 -24.66 16.56 -28.98
C ASN A 412 -23.99 16.66 -27.62
N THR A 413 -24.82 16.69 -26.58
CA THR A 413 -24.37 16.76 -25.21
C THR A 413 -25.00 15.57 -24.50
N TYR A 414 -24.31 14.98 -23.54
CA TYR A 414 -24.89 13.85 -22.83
C TYR A 414 -24.34 13.91 -21.42
N THR A 415 -25.05 13.32 -20.47
CA THR A 415 -24.60 13.31 -19.10
C THR A 415 -24.99 11.96 -18.51
N TYR A 416 -24.22 11.47 -17.54
CA TYR A 416 -24.48 10.16 -16.96
C TYR A 416 -24.32 10.17 -15.46
N LEU A 417 -24.39 8.99 -14.84
CA LEU A 417 -24.19 8.89 -13.41
C LEU A 417 -23.85 7.45 -13.10
N PHE A 418 -22.58 7.18 -12.83
CA PHE A 418 -22.14 5.83 -12.53
C PHE A 418 -22.69 5.48 -11.15
N SER A 419 -23.66 4.56 -11.13
CA SER A 419 -24.30 4.13 -9.91
C SER A 419 -23.80 2.79 -9.35
N GLN A 420 -23.09 2.03 -10.16
CA GLN A 420 -22.58 0.71 -9.75
C GLN A 420 -21.70 0.77 -8.48
N PRO A 421 -22.26 0.40 -7.33
CA PRO A 421 -21.54 0.41 -6.05
C PRO A 421 -20.20 -0.33 -6.01
N SER A 422 -19.30 0.17 -5.16
CA SER A 422 -17.98 -0.40 -4.98
C SER A 422 -18.00 -1.73 -4.25
N ARG A 423 -17.05 -2.58 -4.61
CA ARG A 423 -16.91 -3.90 -3.99
C ARG A 423 -16.29 -3.71 -2.60
N MET A 424 -15.57 -2.61 -2.40
CA MET A 424 -14.90 -2.35 -1.13
C MET A 424 -15.68 -2.76 0.09
N PRO A 425 -15.30 -3.92 0.67
CA PRO A 425 -15.90 -4.53 1.86
C PRO A 425 -15.56 -3.77 3.13
N ILE A 426 -14.75 -2.74 2.98
CA ILE A 426 -14.33 -1.90 4.11
C ILE A 426 -15.38 -0.82 4.38
N TYR A 427 -15.84 -0.20 3.30
CA TYR A 427 -16.82 0.87 3.40
C TYR A 427 -18.17 0.40 3.96
N PRO A 428 -18.99 1.34 4.45
CA PRO A 428 -20.29 0.92 5.00
C PRO A 428 -21.20 0.38 3.89
N LYS A 429 -22.07 -0.56 4.25
CA LYS A 429 -23.00 -1.19 3.29
C LYS A 429 -23.78 -0.24 2.41
N TRP A 430 -24.06 0.97 2.93
CA TRP A 430 -24.80 1.97 2.18
C TRP A 430 -23.97 2.66 1.09
N MET A 431 -22.75 2.18 0.88
CA MET A 431 -21.84 2.75 -0.09
C MET A 431 -22.24 2.60 -1.57
N GLY A 432 -22.15 3.70 -2.32
CA GLY A 432 -22.49 3.69 -3.73
C GLY A 432 -21.24 3.69 -4.60
N ALA A 433 -21.30 4.38 -5.73
CA ALA A 433 -20.17 4.47 -6.67
C ALA A 433 -19.19 5.57 -6.27
N ASP A 434 -18.12 5.16 -5.58
CA ASP A 434 -17.07 6.07 -5.12
C ASP A 434 -16.27 6.61 -6.31
N HIS A 435 -15.41 7.58 -6.03
CA HIS A 435 -14.55 8.19 -7.02
C HIS A 435 -13.62 7.15 -7.64
N ALA A 436 -13.33 7.33 -8.92
CA ALA A 436 -12.46 6.43 -9.65
C ALA A 436 -12.97 4.99 -9.87
N ASP A 437 -14.14 4.65 -9.34
CA ASP A 437 -14.69 3.31 -9.52
C ASP A 437 -15.04 3.04 -10.97
N ASP A 438 -15.26 4.10 -11.72
CA ASP A 438 -15.60 4.00 -13.13
C ASP A 438 -14.47 3.44 -14.02
N LEU A 439 -13.24 3.84 -13.71
CA LEU A 439 -12.05 3.45 -14.47
C LEU A 439 -11.98 2.02 -15.02
N GLN A 440 -11.82 1.04 -14.13
CA GLN A 440 -11.74 -0.36 -14.52
C GLN A 440 -12.81 -0.77 -15.54
N TYR A 441 -14.03 -0.28 -15.36
CA TYR A 441 -15.09 -0.62 -16.26
C TYR A 441 -14.86 -0.05 -17.64
N VAL A 442 -14.39 1.18 -17.70
CA VAL A 442 -14.14 1.81 -18.99
C VAL A 442 -12.98 1.14 -19.74
N PHE A 443 -12.02 0.60 -18.99
CA PHE A 443 -10.84 -0.04 -19.58
C PHE A 443 -10.91 -1.54 -19.85
N GLY A 444 -12.11 -2.10 -19.75
CA GLY A 444 -12.29 -3.52 -19.99
C GLY A 444 -11.61 -4.40 -18.97
N LYS A 445 -11.25 -3.84 -17.82
CA LYS A 445 -10.61 -4.63 -16.78
C LYS A 445 -11.36 -5.93 -16.47
N PRO A 446 -12.72 -5.92 -16.48
CA PRO A 446 -13.48 -7.15 -16.18
C PRO A 446 -13.26 -8.28 -17.21
N PHE A 447 -12.88 -7.89 -18.41
CA PHE A 447 -12.62 -8.84 -19.49
C PHE A 447 -11.14 -9.22 -19.60
N ALA A 448 -10.27 -8.27 -19.28
CA ALA A 448 -8.82 -8.48 -19.32
C ALA A 448 -8.39 -9.34 -18.13
N THR A 449 -9.05 -9.17 -17.00
CA THR A 449 -8.76 -9.94 -15.80
C THR A 449 -10.08 -10.46 -15.19
N PRO A 450 -10.79 -11.35 -15.91
CA PRO A 450 -12.06 -11.96 -15.49
C PRO A 450 -12.14 -12.43 -14.04
N LEU A 451 -11.25 -13.32 -13.62
CA LEU A 451 -11.27 -13.80 -12.23
C LEU A 451 -11.18 -12.56 -11.33
N GLY A 452 -12.12 -12.43 -10.40
CA GLY A 452 -12.14 -11.26 -9.54
C GLY A 452 -13.23 -10.32 -10.05
N TYR A 453 -13.93 -10.78 -11.08
CA TYR A 453 -15.03 -10.06 -11.71
C TYR A 453 -16.19 -11.03 -12.00
N ARG A 454 -17.41 -10.54 -11.94
CA ARG A 454 -18.60 -11.35 -12.18
C ARG A 454 -19.40 -10.75 -13.32
N ALA A 455 -20.40 -11.50 -13.77
CA ALA A 455 -21.26 -11.07 -14.89
C ALA A 455 -21.59 -9.58 -14.91
N GLN A 456 -22.21 -9.10 -13.84
CA GLN A 456 -22.59 -7.70 -13.70
C GLN A 456 -21.45 -6.80 -14.15
N ASP A 457 -20.28 -7.02 -13.55
CA ASP A 457 -19.09 -6.26 -13.85
C ASP A 457 -18.75 -6.30 -15.33
N ARG A 458 -18.94 -7.46 -15.93
CA ARG A 458 -18.66 -7.59 -17.36
C ARG A 458 -19.77 -6.91 -18.15
N THR A 459 -20.93 -6.76 -17.52
CA THR A 459 -22.07 -6.13 -18.18
C THR A 459 -21.89 -4.62 -18.21
N VAL A 460 -21.51 -4.05 -17.07
CA VAL A 460 -21.30 -2.62 -16.96
C VAL A 460 -20.13 -2.24 -17.87
N SER A 461 -19.03 -3.00 -17.71
CA SER A 461 -17.83 -2.79 -18.51
C SER A 461 -18.23 -2.78 -19.98
N LYS A 462 -18.90 -3.83 -20.42
CA LYS A 462 -19.32 -3.93 -21.81
C LYS A 462 -20.17 -2.74 -22.25
N ALA A 463 -21.11 -2.33 -21.39
CA ALA A 463 -22.00 -1.22 -21.70
C ALA A 463 -21.25 0.07 -21.91
N MET A 464 -20.52 0.49 -20.88
CA MET A 464 -19.74 1.72 -20.95
C MET A 464 -18.81 1.70 -22.16
N ILE A 465 -18.05 0.61 -22.30
CA ILE A 465 -17.11 0.43 -23.42
C ILE A 465 -17.89 0.49 -24.73
N ALA A 466 -19.17 0.15 -24.66
CA ALA A 466 -20.05 0.17 -25.82
C ALA A 466 -20.39 1.61 -26.14
N TYR A 467 -20.70 2.36 -25.10
CA TYR A 467 -21.07 3.75 -25.26
C TYR A 467 -19.92 4.64 -25.72
N TRP A 468 -18.87 4.72 -24.91
CA TRP A 468 -17.70 5.54 -25.23
C TRP A 468 -17.28 5.39 -26.69
N THR A 469 -17.09 4.14 -27.12
CA THR A 469 -16.65 3.81 -28.47
C THR A 469 -17.60 4.24 -29.59
N ASN A 470 -18.89 4.03 -29.37
CA ASN A 470 -19.90 4.43 -30.35
C ASN A 470 -19.82 5.95 -30.48
N PHE A 471 -19.69 6.57 -29.31
CA PHE A 471 -19.60 8.03 -29.20
C PHE A 471 -18.41 8.50 -30.03
N ALA A 472 -17.24 7.91 -29.77
CA ALA A 472 -16.02 8.26 -30.48
C ALA A 472 -16.19 8.17 -32.00
N ARG A 473 -17.05 7.28 -32.48
CA ARG A 473 -17.21 7.11 -33.92
C ARG A 473 -18.22 8.05 -34.58
N THR A 474 -19.41 8.12 -33.99
CA THR A 474 -20.49 8.93 -34.54
C THR A 474 -20.89 10.15 -33.72
N GLY A 475 -20.74 10.05 -32.41
CA GLY A 475 -21.12 11.14 -31.54
C GLY A 475 -22.38 10.77 -30.80
N ASP A 476 -23.04 9.71 -31.27
CA ASP A 476 -24.24 9.22 -30.64
C ASP A 476 -23.81 8.02 -29.80
N PRO A 477 -23.99 8.09 -28.48
CA PRO A 477 -23.60 7.01 -27.55
C PRO A 477 -24.26 5.68 -27.87
N ASN A 478 -25.13 5.66 -28.86
CA ASN A 478 -25.89 4.48 -29.27
C ASN A 478 -25.45 3.93 -30.62
N THR A 479 -24.87 4.78 -31.45
CA THR A 479 -24.49 4.38 -32.79
C THR A 479 -23.01 4.17 -33.13
N GLY A 480 -22.74 3.07 -33.80
CA GLY A 480 -21.37 2.79 -34.17
C GLY A 480 -21.08 1.33 -34.35
N HIS A 481 -20.00 0.89 -33.71
CA HIS A 481 -19.52 -0.49 -33.81
C HIS A 481 -20.21 -1.46 -32.85
N SER A 482 -21.03 -0.95 -31.94
CA SER A 482 -21.66 -1.84 -31.01
C SER A 482 -23.10 -1.50 -30.69
N THR A 483 -23.77 -2.42 -30.02
CA THR A 483 -25.16 -2.23 -29.65
C THR A 483 -25.19 -1.81 -28.19
N VAL A 484 -26.15 -0.94 -27.90
CA VAL A 484 -26.35 -0.40 -26.56
C VAL A 484 -27.58 -1.01 -25.89
N PRO A 485 -27.43 -1.55 -24.67
CA PRO A 485 -28.59 -2.14 -23.98
C PRO A 485 -29.74 -1.16 -23.66
N ALA A 486 -29.41 0.12 -23.54
CA ALA A 486 -30.41 1.15 -23.26
C ALA A 486 -30.01 2.34 -24.10
N ASN A 487 -30.99 3.05 -24.65
CA ASN A 487 -30.69 4.23 -25.47
C ASN A 487 -30.34 5.44 -24.61
N TRP A 488 -29.27 6.13 -24.98
CA TRP A 488 -28.81 7.31 -24.28
C TRP A 488 -29.36 8.52 -25.01
N ASP A 489 -30.34 9.19 -24.40
CA ASP A 489 -30.97 10.37 -25.00
C ASP A 489 -30.14 11.62 -24.77
N PRO A 490 -30.02 12.45 -25.80
CA PRO A 490 -29.23 13.68 -25.65
C PRO A 490 -29.84 14.59 -24.57
N TYR A 491 -28.96 15.18 -23.78
CA TYR A 491 -29.31 16.08 -22.69
C TYR A 491 -30.14 17.29 -23.13
N THR A 492 -31.06 17.70 -22.24
CA THR A 492 -31.90 18.87 -22.46
C THR A 492 -31.94 19.60 -21.13
N LEU A 493 -31.87 20.92 -21.20
CA LEU A 493 -31.91 21.77 -20.01
C LEU A 493 -33.23 21.55 -19.27
N GLU A 494 -34.30 21.44 -20.06
CA GLU A 494 -35.66 21.25 -19.56
C GLU A 494 -35.80 19.98 -18.73
N ASP A 495 -35.45 18.86 -19.33
CA ASP A 495 -35.57 17.57 -18.67
C ASP A 495 -34.41 17.23 -17.77
N ASP A 496 -33.24 17.79 -18.08
CA ASP A 496 -32.01 17.53 -17.34
C ASP A 496 -31.96 16.01 -17.19
N ASN A 497 -32.15 15.34 -18.33
CA ASN A 497 -32.16 13.89 -18.41
C ASN A 497 -30.76 13.28 -18.45
N TYR A 498 -30.53 12.35 -17.54
CA TYR A 498 -29.24 11.68 -17.44
C TYR A 498 -29.39 10.17 -17.50
N LEU A 499 -28.38 9.50 -18.05
CA LEU A 499 -28.37 8.05 -18.15
C LEU A 499 -27.73 7.49 -16.89
N GLU A 500 -28.50 6.82 -16.05
CA GLU A 500 -27.93 6.21 -14.86
C GLU A 500 -27.21 4.97 -15.43
N ILE A 501 -26.02 4.63 -14.91
CA ILE A 501 -25.29 3.48 -15.43
C ILE A 501 -24.92 2.44 -14.39
N ASN A 502 -25.45 1.23 -14.57
CA ASN A 502 -25.15 0.12 -13.68
C ASN A 502 -25.74 -1.15 -14.26
N LYS A 503 -25.50 -2.28 -13.60
CA LYS A 503 -25.99 -3.59 -14.05
C LYS A 503 -27.29 -3.57 -14.87
N GLN A 504 -28.37 -3.12 -14.26
CA GLN A 504 -29.66 -3.03 -14.94
C GLN A 504 -29.71 -1.83 -15.88
N MET A 505 -29.60 -2.12 -17.18
CA MET A 505 -29.61 -1.08 -18.20
C MET A 505 -30.77 -1.35 -19.13
N ASP A 506 -31.95 -0.88 -18.72
CA ASP A 506 -33.15 -1.11 -19.50
C ASP A 506 -33.74 0.17 -20.12
N SER A 507 -34.91 0.57 -19.65
CA SER A 507 -35.60 1.75 -20.14
C SER A 507 -35.73 2.82 -19.06
N ASN A 508 -35.92 2.40 -17.82
CA ASN A 508 -36.07 3.34 -16.72
C ASN A 508 -34.74 4.02 -16.44
N SER A 509 -33.68 3.45 -17.00
CA SER A 509 -32.32 3.95 -16.82
C SER A 509 -32.14 5.45 -17.03
N MET A 510 -32.72 6.02 -18.09
CA MET A 510 -32.59 7.45 -18.32
C MET A 510 -33.54 8.23 -17.43
N LYS A 511 -32.97 8.75 -16.35
CA LYS A 511 -33.69 9.49 -15.36
C LYS A 511 -33.57 11.01 -15.57
N LEU A 512 -34.34 11.78 -14.82
CA LEU A 512 -34.31 13.23 -14.96
C LEU A 512 -34.18 13.96 -13.63
N HIS A 513 -33.79 15.23 -13.72
CA HIS A 513 -33.63 16.10 -12.57
C HIS A 513 -32.87 15.48 -11.41
N LEU A 514 -31.55 15.40 -11.56
CA LEU A 514 -30.70 14.87 -10.51
C LEU A 514 -30.33 16.03 -9.56
N ARG A 515 -31.03 16.10 -8.44
CA ARG A 515 -30.77 17.14 -7.44
C ARG A 515 -30.82 18.58 -7.97
N THR A 516 -31.73 18.84 -8.91
CA THR A 516 -31.91 20.17 -9.49
C THR A 516 -32.07 21.26 -8.41
N ASN A 517 -32.58 20.85 -7.25
CA ASN A 517 -32.79 21.80 -6.15
C ASN A 517 -31.46 22.35 -5.64
N TYR A 518 -30.48 21.48 -5.43
CA TYR A 518 -29.19 21.96 -4.96
C TYR A 518 -28.52 22.74 -6.07
N LEU A 519 -28.80 22.35 -7.32
CA LEU A 519 -28.25 23.09 -8.45
C LEU A 519 -28.76 24.51 -8.27
N GLN A 520 -30.00 24.63 -7.80
CA GLN A 520 -30.63 25.93 -7.55
C GLN A 520 -30.06 26.68 -6.35
N PHE A 521 -29.92 25.98 -5.22
CA PHE A 521 -29.38 26.60 -4.01
C PHE A 521 -28.01 27.23 -4.29
N TRP A 522 -27.11 26.46 -4.91
CA TRP A 522 -25.75 26.94 -5.23
C TRP A 522 -25.74 27.99 -6.35
N THR A 523 -26.29 27.65 -7.52
CA THR A 523 -26.28 28.61 -8.61
C THR A 523 -27.03 29.94 -8.36
N GLN A 524 -28.16 29.91 -7.66
CA GLN A 524 -28.89 31.14 -7.43
C GLN A 524 -28.74 31.77 -6.05
N THR A 525 -28.96 30.99 -5.00
CA THR A 525 -28.89 31.51 -3.64
C THR A 525 -27.46 31.80 -3.17
N TYR A 526 -26.79 30.78 -2.66
CA TYR A 526 -25.42 30.91 -2.13
C TYR A 526 -24.50 31.77 -2.99
N GLN A 527 -24.69 31.74 -4.30
CA GLN A 527 -23.85 32.50 -5.21
C GLN A 527 -24.06 34.01 -5.02
N ALA A 528 -25.28 34.41 -4.77
CA ALA A 528 -25.60 35.82 -4.58
C ALA A 528 -24.95 36.37 -3.31
N LEU A 529 -24.80 35.52 -2.28
CA LEU A 529 -24.21 35.97 -1.01
C LEU A 529 -22.84 36.60 -1.27
N PRO A 530 -22.54 37.73 -0.60
CA PRO A 530 -21.28 38.47 -0.74
C PRO A 530 -20.01 37.70 -0.40
N THR A 531 -18.97 38.00 -1.17
CA THR A 531 -17.65 37.40 -1.02
C THR A 531 -16.92 38.01 0.16
N VAL A 532 -16.53 37.18 1.11
CA VAL A 532 -15.86 37.66 2.28
C VAL A 532 -14.45 37.08 2.40
N ALA B 1 6.86 13.57 36.03
CA ALA B 1 8.26 13.19 36.03
C ALA B 1 8.83 13.20 34.61
N LYS B 2 10.16 13.26 34.52
CA LYS B 2 10.83 13.29 33.24
C LYS B 2 12.31 13.03 33.42
N LEU B 3 12.81 12.04 32.69
CA LEU B 3 14.20 11.62 32.73
C LEU B 3 15.17 12.75 32.26
N GLY B 4 14.71 13.54 31.30
CA GLY B 4 15.56 14.61 30.79
C GLY B 4 16.75 14.00 30.08
N SER B 5 17.97 14.34 30.53
CA SER B 5 19.18 13.81 29.90
C SER B 5 19.53 12.49 30.56
N VAL B 6 20.01 11.53 29.77
CA VAL B 6 20.39 10.23 30.34
C VAL B 6 21.83 9.93 29.99
N TYR B 7 22.51 9.16 30.85
CA TYR B 7 23.89 8.83 30.58
C TYR B 7 24.11 7.39 30.18
N THR B 8 24.25 7.14 28.88
CA THR B 8 24.50 5.79 28.41
C THR B 8 26.02 5.62 28.47
N GLU B 9 26.50 4.46 28.07
CA GLU B 9 27.94 4.18 28.07
C GLU B 9 28.66 4.95 26.96
N GLY B 10 27.95 5.27 25.88
CA GLY B 10 28.57 5.99 24.79
C GLY B 10 28.40 7.49 24.91
N GLY B 11 27.59 7.95 25.87
CA GLY B 11 27.39 9.38 26.04
C GLY B 11 26.04 9.79 26.63
N PHE B 12 25.74 11.09 26.53
CA PHE B 12 24.49 11.65 27.03
C PHE B 12 23.49 11.66 25.90
N VAL B 13 22.31 11.12 26.19
CA VAL B 13 21.23 11.04 25.23
C VAL B 13 20.11 11.90 25.78
N GLU B 14 19.25 12.38 24.89
CA GLU B 14 18.13 13.20 25.27
C GLU B 14 16.95 12.93 24.34
N GLY B 15 15.85 12.47 24.91
CA GLY B 15 14.67 12.18 24.11
C GLY B 15 13.51 13.06 24.54
N VAL B 16 12.28 12.71 24.13
CA VAL B 16 11.12 13.51 24.48
C VAL B 16 10.32 12.98 25.65
N ASN B 17 9.42 13.84 26.11
CA ASN B 17 8.50 13.55 27.20
C ASN B 17 7.16 13.93 26.65
N LYS B 18 6.24 12.98 26.67
CA LYS B 18 4.90 13.22 26.17
C LYS B 18 3.93 13.10 27.34
N LYS B 19 3.12 14.13 27.54
CA LYS B 19 2.12 14.14 28.61
C LYS B 19 1.03 13.25 28.09
N LEU B 20 0.64 12.25 28.87
CA LEU B 20 -0.42 11.36 28.46
C LEU B 20 -1.81 11.82 28.92
N SER B 21 -2.00 11.93 30.25
CA SER B 21 -3.27 12.33 30.85
C SER B 21 -3.12 13.52 31.81
N LEU B 22 -4.16 13.77 32.61
CA LEU B 22 -4.15 14.87 33.58
C LEU B 22 -3.60 14.51 34.93
N PHE B 23 -3.52 13.21 35.23
CA PHE B 23 -2.99 12.79 36.52
C PHE B 23 -1.47 12.87 36.52
N GLY B 24 -0.90 13.58 35.56
CA GLY B 24 0.53 13.74 35.46
C GLY B 24 1.29 12.61 34.78
N ASP B 25 0.58 11.74 34.09
CA ASP B 25 1.21 10.62 33.38
C ASP B 25 2.00 11.18 32.22
N SER B 26 3.23 10.70 32.04
CA SER B 26 4.05 11.13 30.94
C SER B 26 4.73 9.91 30.37
N ILE B 27 5.43 10.10 29.26
CA ILE B 27 6.09 8.98 28.62
C ILE B 27 7.35 9.48 27.89
N ASP B 28 8.51 9.13 28.44
CA ASP B 28 9.77 9.51 27.84
C ASP B 28 10.03 8.63 26.63
N ILE B 29 10.29 9.24 25.49
CA ILE B 29 10.53 8.51 24.28
C ILE B 29 11.90 8.83 23.69
N PHE B 30 12.78 7.83 23.64
CA PHE B 30 14.13 7.96 23.08
C PHE B 30 14.17 7.10 21.81
N LYS B 31 14.35 7.73 20.66
CA LYS B 31 14.38 7.01 19.40
C LYS B 31 15.69 7.33 18.67
N GLY B 32 16.43 6.29 18.28
CA GLY B 32 17.68 6.50 17.54
C GLY B 32 18.99 6.40 18.31
N ILE B 33 18.99 5.71 19.43
CA ILE B 33 20.19 5.57 20.24
C ILE B 33 21.03 4.44 19.66
N PRO B 34 22.27 4.74 19.25
CA PRO B 34 23.16 3.72 18.67
C PRO B 34 23.66 2.70 19.70
N PHE B 35 23.57 1.41 19.35
CA PHE B 35 24.05 0.38 20.28
C PHE B 35 25.36 -0.27 19.80
N ALA B 36 25.80 0.13 18.61
CA ALA B 36 27.02 -0.40 18.05
C ALA B 36 27.50 0.48 16.92
N ALA B 37 28.74 0.28 16.51
CA ALA B 37 29.31 1.06 15.41
C ALA B 37 28.86 0.39 14.12
N ALA B 38 28.76 1.18 13.05
CA ALA B 38 28.33 0.67 11.73
C ALA B 38 29.04 -0.65 11.41
N PRO B 39 28.26 -1.68 11.09
CA PRO B 39 28.83 -2.99 10.76
C PRO B 39 29.54 -2.99 9.42
N LYS B 40 30.66 -3.72 9.39
CA LYS B 40 31.48 -3.87 8.19
C LYS B 40 30.89 -5.06 7.45
N ALA B 41 30.49 -4.84 6.20
CA ALA B 41 29.90 -5.89 5.36
C ALA B 41 30.32 -7.29 5.76
N LEU B 42 29.34 -8.10 6.15
CA LEU B 42 29.55 -9.49 6.53
C LEU B 42 30.59 -9.73 7.61
N GLU B 43 30.52 -8.96 8.69
CA GLU B 43 31.49 -9.12 9.78
C GLU B 43 30.82 -8.84 11.11
N LYS B 44 31.30 -9.46 12.19
CA LYS B 44 30.70 -9.24 13.50
C LYS B 44 30.67 -7.76 13.90
N PRO B 45 29.56 -7.31 14.49
CA PRO B 45 29.43 -5.92 14.91
C PRO B 45 30.29 -5.65 16.13
N GLU B 46 30.69 -4.40 16.28
CA GLU B 46 31.52 -3.98 17.41
C GLU B 46 30.81 -2.84 18.12
N ARG B 47 31.24 -2.57 19.36
CA ARG B 47 30.64 -1.48 20.14
C ARG B 47 30.79 -0.14 19.42
N HIS B 48 30.00 0.83 19.85
CA HIS B 48 30.09 2.15 19.27
C HIS B 48 31.23 2.83 20.02
N PRO B 49 32.01 3.65 19.31
CA PRO B 49 33.15 4.40 19.87
C PRO B 49 32.75 5.42 20.92
N GLY B 50 31.53 5.95 20.77
CA GLY B 50 31.01 6.94 21.69
C GLY B 50 30.78 8.24 20.95
N TRP B 51 30.28 9.25 21.65
CA TRP B 51 30.04 10.54 21.05
C TRP B 51 30.32 11.68 22.03
N GLN B 52 30.25 12.91 21.50
CA GLN B 52 30.56 14.15 22.21
C GLN B 52 29.73 14.55 23.44
N GLY B 53 28.74 15.42 23.22
CA GLY B 53 27.94 15.89 24.33
C GLY B 53 26.56 15.26 24.47
N THR B 54 25.55 15.99 24.01
CA THR B 54 24.18 15.53 24.09
C THR B 54 23.70 15.08 22.72
N LEU B 55 23.26 13.83 22.63
CA LEU B 55 22.75 13.31 21.38
C LEU B 55 21.23 13.39 21.45
N LYS B 56 20.63 13.98 20.43
CA LYS B 56 19.17 14.15 20.38
C LYS B 56 18.44 12.91 19.83
N ALA B 57 17.88 12.12 20.74
CA ALA B 57 17.15 10.91 20.38
C ALA B 57 15.71 11.26 20.03
N LYS B 58 15.58 12.16 19.07
CA LYS B 58 14.26 12.64 18.66
C LYS B 58 13.63 11.97 17.45
N SER B 59 14.30 10.98 16.85
CA SER B 59 13.74 10.33 15.67
C SER B 59 14.23 8.91 15.44
N PHE B 60 13.49 8.18 14.62
CA PHE B 60 13.84 6.82 14.24
C PHE B 60 14.98 6.93 13.25
N LYS B 61 15.94 6.03 13.32
CA LYS B 61 17.05 6.06 12.39
C LYS B 61 16.64 5.23 11.17
N LYS B 62 17.63 4.89 10.35
CA LYS B 62 17.37 4.11 9.16
C LYS B 62 17.33 2.63 9.47
N ARG B 63 16.60 1.88 8.64
CA ARG B 63 16.50 0.45 8.77
C ARG B 63 17.73 -0.07 8.03
N CYS B 64 18.18 -1.27 8.37
CA CYS B 64 19.35 -1.82 7.71
C CYS B 64 19.07 -1.95 6.22
N LEU B 65 20.11 -1.89 5.40
CA LEU B 65 19.96 -2.01 3.95
C LEU B 65 19.20 -3.29 3.61
N GLN B 66 18.18 -3.16 2.78
CA GLN B 66 17.33 -4.26 2.36
C GLN B 66 16.61 -3.81 1.08
N ALA B 67 15.99 -4.76 0.39
CA ALA B 67 15.28 -4.45 -0.84
C ALA B 67 13.86 -3.98 -0.65
N THR B 68 13.38 -3.24 -1.63
CA THR B 68 12.02 -2.74 -1.67
C THR B 68 11.20 -4.02 -1.97
N LEU B 69 10.49 -4.08 -3.08
CA LEU B 69 9.74 -5.30 -3.41
C LEU B 69 10.51 -6.04 -4.48
N THR B 70 11.74 -6.42 -4.11
CA THR B 70 12.73 -7.14 -4.92
C THR B 70 13.19 -6.50 -6.26
N GLN B 71 12.53 -5.42 -6.67
CA GLN B 71 12.90 -4.72 -7.90
C GLN B 71 13.89 -3.59 -7.62
N ASP B 72 14.21 -3.39 -6.33
CA ASP B 72 15.13 -2.35 -5.89
C ASP B 72 15.47 -2.60 -4.42
N SER B 73 16.62 -2.13 -3.98
CA SER B 73 17.02 -2.29 -2.60
C SER B 73 17.08 -0.91 -2.05
N THR B 74 16.10 -0.11 -2.43
CA THR B 74 16.05 1.28 -1.99
C THR B 74 15.66 1.40 -0.52
N TYR B 75 15.98 0.40 0.28
CA TYR B 75 15.63 0.47 1.69
C TYR B 75 16.80 0.41 2.65
N GLY B 76 16.86 1.43 3.50
CA GLY B 76 17.89 1.46 4.51
C GLY B 76 19.29 1.86 4.14
N ASN B 77 20.17 1.72 5.11
CA ASN B 77 21.56 2.09 4.95
C ASN B 77 22.32 1.15 5.86
N GLU B 78 23.61 0.98 5.57
CA GLU B 78 24.47 0.07 6.33
C GLU B 78 24.56 0.46 7.77
N ASP B 79 24.47 1.75 8.02
CA ASP B 79 24.50 2.28 9.36
C ASP B 79 23.06 2.13 9.83
N CYS B 80 22.82 1.20 10.74
CA CYS B 80 21.44 0.96 11.15
C CYS B 80 21.25 0.37 12.53
N LEU B 81 22.35 -0.04 13.15
CA LEU B 81 22.26 -0.63 14.48
C LEU B 81 21.92 0.39 15.56
N TYR B 82 20.66 0.79 15.61
CA TYR B 82 20.15 1.75 16.59
C TYR B 82 19.03 1.12 17.39
N LEU B 83 18.59 1.79 18.44
CA LEU B 83 17.47 1.29 19.23
C LEU B 83 16.64 2.45 19.77
N ASN B 84 15.43 2.15 20.22
CA ASN B 84 14.51 3.16 20.74
C ASN B 84 14.01 2.64 22.07
N ILE B 85 13.73 3.52 23.03
CA ILE B 85 13.26 3.08 24.33
C ILE B 85 12.03 3.88 24.77
N TRP B 86 10.99 3.17 25.23
CA TRP B 86 9.78 3.82 25.72
C TRP B 86 9.72 3.58 27.20
N VAL B 87 9.73 4.66 27.97
CA VAL B 87 9.67 4.56 29.42
C VAL B 87 8.40 5.24 29.93
N PRO B 88 7.49 4.46 30.56
CA PRO B 88 6.24 4.98 31.10
C PRO B 88 6.55 5.82 32.33
N GLN B 89 6.05 7.06 32.39
CA GLN B 89 6.36 7.92 33.54
C GLN B 89 5.21 8.48 34.39
N GLY B 90 5.42 8.43 35.71
CA GLY B 90 4.43 8.94 36.65
C GLY B 90 4.82 10.30 37.21
N ARG B 91 3.83 11.17 37.48
CA ARG B 91 4.10 12.52 38.00
C ARG B 91 4.98 12.66 39.24
N LYS B 92 4.64 11.89 40.27
CA LYS B 92 5.35 11.90 41.54
C LYS B 92 6.87 11.88 41.39
N GLU B 93 7.37 11.04 40.51
CA GLU B 93 8.79 10.89 40.30
C GLU B 93 9.04 9.99 39.11
N VAL B 94 10.29 9.97 38.63
CA VAL B 94 10.64 9.14 37.49
C VAL B 94 10.69 7.67 37.88
N SER B 95 10.29 6.84 36.94
CA SER B 95 10.24 5.42 37.11
C SER B 95 11.59 4.81 37.40
N HIS B 96 11.58 3.74 38.19
CA HIS B 96 12.80 3.04 38.56
C HIS B 96 12.51 1.56 38.77
N ASP B 97 13.50 0.72 38.45
CA ASP B 97 13.41 -0.73 38.57
C ASP B 97 12.28 -1.34 37.74
N LEU B 98 12.00 -0.70 36.61
CA LEU B 98 10.96 -1.17 35.69
C LEU B 98 11.39 -2.39 34.90
N PRO B 99 10.47 -3.33 34.64
CA PRO B 99 10.78 -4.54 33.89
C PRO B 99 11.04 -4.12 32.46
N VAL B 100 11.87 -4.88 31.75
CA VAL B 100 12.21 -4.56 30.37
C VAL B 100 11.71 -5.58 29.38
N MET B 101 11.37 -5.09 28.18
CA MET B 101 10.87 -5.93 27.10
C MET B 101 11.48 -5.47 25.77
N ILE B 102 12.42 -6.25 25.25
CA ILE B 102 13.08 -5.92 24.00
C ILE B 102 12.33 -6.68 22.91
N TRP B 103 11.97 -5.99 21.84
CA TRP B 103 11.22 -6.58 20.73
C TRP B 103 12.09 -6.82 19.51
N ILE B 104 12.09 -8.08 19.04
CA ILE B 104 12.85 -8.47 17.85
C ILE B 104 11.84 -8.63 16.72
N TYR B 105 11.92 -7.74 15.73
CA TYR B 105 10.99 -7.80 14.61
C TYR B 105 11.16 -9.02 13.75
N GLY B 106 10.23 -9.19 12.81
CA GLY B 106 10.26 -10.32 11.91
C GLY B 106 10.06 -9.88 10.48
N GLY B 107 10.60 -10.70 9.58
CA GLY B 107 10.50 -10.43 8.15
C GLY B 107 11.26 -11.53 7.43
N ALA B 108 11.08 -12.75 7.92
CA ALA B 108 11.73 -13.94 7.36
C ALA B 108 13.24 -13.76 7.36
N PHE B 109 13.71 -12.98 8.31
CA PHE B 109 15.12 -12.66 8.42
C PHE B 109 15.55 -11.88 7.16
N LEU B 110 14.63 -11.61 6.25
CA LEU B 110 15.00 -10.90 5.06
C LEU B 110 14.45 -9.49 4.92
N MET B 111 13.76 -8.98 5.95
CA MET B 111 13.26 -7.61 5.95
C MET B 111 12.72 -7.14 7.30
N GLY B 112 12.49 -5.83 7.44
CA GLY B 112 11.98 -5.30 8.69
C GLY B 112 12.79 -4.22 9.36
N ALA B 113 12.12 -3.49 10.27
CA ALA B 113 12.71 -2.38 11.04
C ALA B 113 12.07 -2.24 12.40
N SER B 114 12.83 -1.72 13.35
CA SER B 114 12.37 -1.51 14.72
C SER B 114 11.02 -0.80 14.87
N GLN B 115 10.79 0.17 14.00
CA GLN B 115 9.57 0.95 14.07
C GLN B 115 8.44 0.17 13.45
N GLY B 116 8.79 -0.71 12.53
CA GLY B 116 7.80 -1.49 11.85
C GLY B 116 7.14 -0.62 10.81
N ALA B 117 6.10 -1.16 10.18
CA ALA B 117 5.38 -0.43 9.16
C ALA B 117 4.61 0.68 9.81
N ASN B 118 4.25 1.67 9.03
CA ASN B 118 3.50 2.79 9.55
C ASN B 118 2.59 3.39 8.50
N PHE B 119 1.56 4.08 8.95
CA PHE B 119 0.64 4.76 8.05
C PHE B 119 0.44 6.10 8.73
N LEU B 120 0.93 7.16 8.10
CA LEU B 120 0.83 8.53 8.64
C LEU B 120 1.22 8.66 10.11
N SER B 121 2.42 8.19 10.47
CA SER B 121 2.91 8.25 11.86
C SER B 121 2.40 7.10 12.73
N ASN B 122 1.66 6.17 12.13
CA ASN B 122 1.15 5.05 12.89
C ASN B 122 2.11 3.87 12.73
N TYR B 123 3.04 3.73 13.66
CA TYR B 123 4.03 2.66 13.61
C TYR B 123 3.59 1.44 14.38
N LEU B 124 3.53 0.31 13.68
CA LEU B 124 3.12 -0.96 14.22
C LEU B 124 3.80 -1.39 15.54
N TYR B 125 5.06 -1.00 15.74
CA TYR B 125 5.81 -1.38 16.95
C TYR B 125 6.11 -0.18 17.86
N ASP B 126 5.21 0.78 17.87
CA ASP B 126 5.37 1.92 18.76
C ASP B 126 5.06 1.30 20.12
N GLY B 127 5.97 1.47 21.07
CA GLY B 127 5.77 0.86 22.39
C GLY B 127 5.07 1.69 23.45
N GLU B 128 4.34 2.71 23.04
CA GLU B 128 3.63 3.58 23.98
C GLU B 128 2.64 2.74 24.74
N GLU B 129 1.68 2.21 24.01
CA GLU B 129 0.61 1.40 24.57
C GLU B 129 1.09 0.26 25.46
N ILE B 130 1.94 -0.62 24.93
CA ILE B 130 2.43 -1.73 25.75
C ILE B 130 3.12 -1.15 26.97
N ALA B 131 3.97 -0.15 26.76
CA ALA B 131 4.72 0.48 27.85
C ALA B 131 3.83 0.97 28.98
N THR B 132 2.93 1.88 28.63
CA THR B 132 2.00 2.49 29.58
C THR B 132 1.10 1.48 30.28
N ARG B 133 0.34 0.71 29.50
CA ARG B 133 -0.57 -0.26 30.08
C ARG B 133 0.08 -1.25 31.03
N GLY B 134 1.19 -1.86 30.62
CA GLY B 134 1.87 -2.83 31.45
C GLY B 134 2.84 -2.25 32.48
N ASN B 135 3.23 -1.01 32.25
CA ASN B 135 4.16 -0.31 33.14
C ASN B 135 5.49 -1.02 33.05
N VAL B 136 5.98 -1.12 31.82
CA VAL B 136 7.25 -1.76 31.54
C VAL B 136 7.92 -0.87 30.52
N ILE B 137 9.23 -1.04 30.38
CA ILE B 137 10.04 -0.29 29.43
C ILE B 137 10.02 -1.11 28.12
N VAL B 138 9.81 -0.43 27.00
CA VAL B 138 9.77 -1.12 25.71
C VAL B 138 10.87 -0.65 24.78
N VAL B 139 11.69 -1.60 24.34
CA VAL B 139 12.77 -1.32 23.41
C VAL B 139 12.55 -2.01 22.08
N THR B 140 12.93 -1.34 21.01
CA THR B 140 12.83 -1.93 19.70
C THR B 140 14.11 -1.52 19.03
N PHE B 141 14.77 -2.47 18.36
CA PHE B 141 16.02 -2.16 17.71
C PHE B 141 16.08 -2.75 16.31
N ASN B 142 17.21 -2.58 15.67
CA ASN B 142 17.43 -3.09 14.35
C ASN B 142 18.50 -4.17 14.38
N TYR B 143 18.43 -5.07 13.41
CA TYR B 143 19.41 -6.14 13.25
C TYR B 143 19.55 -6.28 11.75
N ARG B 144 20.69 -6.78 11.28
CA ARG B 144 20.91 -6.93 9.85
C ARG B 144 20.08 -8.03 9.23
N VAL B 145 19.46 -7.71 8.08
CA VAL B 145 18.60 -8.65 7.39
C VAL B 145 19.04 -8.95 5.97
N GLY B 146 18.46 -10.00 5.39
CA GLY B 146 18.78 -10.37 4.02
C GLY B 146 20.16 -11.01 3.91
N PRO B 147 20.77 -10.96 2.72
CA PRO B 147 22.10 -11.55 2.54
C PRO B 147 23.07 -10.94 3.56
N LEU B 148 23.15 -9.60 3.54
CA LEU B 148 24.08 -8.83 4.40
C LEU B 148 24.14 -9.22 5.87
N GLY B 149 23.17 -9.99 6.33
CA GLY B 149 23.18 -10.36 7.72
C GLY B 149 23.20 -11.84 7.97
N PHE B 150 22.87 -12.63 6.95
CA PHE B 150 22.86 -14.07 7.15
C PHE B 150 23.74 -14.94 6.24
N LEU B 151 24.30 -14.30 5.19
CA LEU B 151 25.18 -14.95 4.21
C LEU B 151 26.27 -15.76 4.91
N SER B 152 26.50 -16.97 4.41
CA SER B 152 27.48 -17.86 4.99
C SER B 152 27.98 -18.90 3.98
N THR B 153 29.14 -19.47 4.29
CA THR B 153 29.78 -20.47 3.47
C THR B 153 29.92 -21.72 4.32
N GLY B 154 29.38 -21.66 5.53
CA GLY B 154 29.42 -22.79 6.43
C GLY B 154 30.73 -23.03 7.14
N ASP B 155 31.77 -22.31 6.75
CA ASP B 155 33.09 -22.46 7.39
C ASP B 155 33.60 -21.13 7.93
N SER B 156 34.78 -21.17 8.54
CA SER B 156 35.37 -19.98 9.14
C SER B 156 35.59 -18.78 8.23
N ASN B 157 35.45 -18.99 6.93
CA ASN B 157 35.64 -17.91 5.95
C ASN B 157 34.46 -16.96 5.75
N LEU B 158 33.35 -17.21 6.45
CA LEU B 158 32.13 -16.40 6.37
C LEU B 158 31.02 -17.20 7.03
N PRO B 159 31.18 -17.48 8.34
CA PRO B 159 30.21 -18.26 9.13
C PRO B 159 28.74 -17.85 9.17
N GLY B 160 28.45 -16.58 8.87
CA GLY B 160 27.08 -16.10 8.88
C GLY B 160 26.57 -15.71 10.27
N ASN B 161 25.25 -15.54 10.36
CA ASN B 161 24.57 -15.15 11.60
C ASN B 161 24.86 -13.75 12.11
N TYR B 162 25.03 -12.80 11.21
CA TYR B 162 25.32 -11.44 11.60
C TYR B 162 24.08 -10.82 12.20
N GLY B 163 22.93 -11.12 11.59
CA GLY B 163 21.66 -10.62 12.09
C GLY B 163 21.55 -11.03 13.55
N LEU B 164 21.91 -12.28 13.84
CA LEU B 164 21.87 -12.81 15.20
C LEU B 164 22.86 -12.13 16.12
N TRP B 165 23.98 -11.63 15.60
CA TRP B 165 24.96 -10.95 16.44
C TRP B 165 24.45 -9.57 16.85
N ASP B 166 24.00 -8.80 15.86
CA ASP B 166 23.46 -7.46 16.12
C ASP B 166 22.41 -7.60 17.23
N GLN B 167 21.45 -8.51 17.06
CA GLN B 167 20.40 -8.73 18.05
C GLN B 167 20.97 -9.00 19.46
N HIS B 168 22.12 -9.68 19.50
CA HIS B 168 22.79 -10.00 20.75
C HIS B 168 23.40 -8.76 21.37
N MET B 169 23.93 -7.90 20.52
CA MET B 169 24.55 -6.67 20.95
C MET B 169 23.50 -5.77 21.60
N ALA B 170 22.34 -5.71 20.96
CA ALA B 170 21.23 -4.91 21.45
C ALA B 170 20.94 -5.35 22.87
N ILE B 171 20.73 -6.65 23.06
CA ILE B 171 20.44 -7.18 24.37
C ILE B 171 21.54 -6.79 25.37
N ALA B 172 22.79 -6.92 24.94
CA ALA B 172 23.92 -6.58 25.79
C ALA B 172 23.90 -5.11 26.25
N TRP B 173 23.77 -4.18 25.32
CA TRP B 173 23.73 -2.75 25.63
C TRP B 173 22.62 -2.51 26.62
N VAL B 174 21.44 -3.05 26.30
CA VAL B 174 20.27 -2.88 27.14
C VAL B 174 20.60 -3.36 28.52
N LYS B 175 21.29 -4.50 28.58
CA LYS B 175 21.69 -5.09 29.86
C LYS B 175 22.73 -4.19 30.56
N ARG B 176 23.59 -3.55 29.77
CA ARG B 176 24.62 -2.70 30.34
C ARG B 176 24.06 -1.40 30.90
N ASN B 177 23.49 -0.58 30.03
CA ASN B 177 22.99 0.72 30.46
C ASN B 177 21.49 1.02 30.50
N ILE B 178 20.67 0.08 30.97
CA ILE B 178 19.22 0.34 31.03
C ILE B 178 18.86 1.03 32.34
N GLU B 179 19.49 0.59 33.43
CA GLU B 179 19.25 1.17 34.75
C GLU B 179 19.13 2.71 34.74
N ALA B 180 19.99 3.35 33.96
CA ALA B 180 20.00 4.80 33.83
C ALA B 180 18.67 5.34 33.33
N PHE B 181 18.00 4.56 32.49
CA PHE B 181 16.70 4.96 31.97
C PHE B 181 15.57 4.57 32.96
N GLY B 182 15.88 3.66 33.89
CA GLY B 182 14.90 3.25 34.89
C GLY B 182 14.53 1.78 34.89
N GLY B 183 15.14 1.01 34.01
CA GLY B 183 14.84 -0.41 33.93
C GLY B 183 15.61 -1.23 34.94
N ASP B 184 15.19 -2.48 35.12
CA ASP B 184 15.82 -3.40 36.04
C ASP B 184 16.66 -4.33 35.17
N PRO B 185 17.99 -4.16 35.19
CA PRO B 185 18.90 -4.98 34.39
C PRO B 185 18.67 -6.48 34.50
N ASP B 186 18.32 -6.93 35.70
CA ASP B 186 18.12 -8.36 35.96
C ASP B 186 16.70 -8.82 35.71
N ASN B 187 16.07 -8.28 34.68
CA ASN B 187 14.69 -8.62 34.35
C ASN B 187 14.37 -8.18 32.93
N ILE B 188 15.15 -8.68 31.99
CA ILE B 188 14.93 -8.34 30.60
C ILE B 188 14.10 -9.46 29.97
N THR B 189 13.00 -9.12 29.33
CA THR B 189 12.15 -10.11 28.65
C THR B 189 12.26 -9.92 27.14
N LEU B 190 12.66 -10.97 26.46
CA LEU B 190 12.83 -10.93 25.02
C LEU B 190 11.56 -11.47 24.36
N PHE B 191 10.93 -10.68 23.50
CA PHE B 191 9.73 -11.17 22.84
C PHE B 191 9.73 -10.84 21.36
N GLY B 192 9.15 -11.72 20.56
CA GLY B 192 9.10 -11.49 19.13
C GLY B 192 8.18 -12.43 18.41
N GLU B 193 7.87 -12.08 17.16
CA GLU B 193 6.98 -12.91 16.36
C GLU B 193 7.69 -13.30 15.09
N SER B 194 7.24 -14.39 14.48
CA SER B 194 7.80 -14.88 13.23
C SER B 194 9.32 -15.05 13.36
N ALA B 195 10.08 -14.50 12.43
CA ALA B 195 11.53 -14.66 12.47
C ALA B 195 12.02 -14.19 13.84
N GLY B 196 11.36 -13.18 14.39
CA GLY B 196 11.73 -12.68 15.70
C GLY B 196 11.44 -13.72 16.76
N GLY B 197 10.43 -14.53 16.49
CA GLY B 197 10.05 -15.59 17.41
C GLY B 197 11.13 -16.63 17.41
N ALA B 198 11.69 -16.88 16.22
CA ALA B 198 12.78 -17.83 16.01
C ALA B 198 14.04 -17.30 16.68
N SER B 199 14.31 -16.01 16.43
CA SER B 199 15.47 -15.31 16.99
C SER B 199 15.41 -15.33 18.51
N VAL B 200 14.23 -15.07 19.10
CA VAL B 200 14.09 -15.07 20.56
C VAL B 200 14.51 -16.45 21.05
N SER B 201 14.12 -17.48 20.31
CA SER B 201 14.46 -18.85 20.65
C SER B 201 15.97 -18.98 20.56
N LEU B 202 16.50 -18.80 19.36
CA LEU B 202 17.93 -18.88 19.14
C LEU B 202 18.78 -18.09 20.16
N GLN B 203 18.33 -16.89 20.53
CA GLN B 203 19.06 -16.08 21.51
C GLN B 203 19.05 -16.75 22.87
N THR B 204 17.95 -17.38 23.22
CA THR B 204 17.87 -18.05 24.52
C THR B 204 18.69 -19.37 24.57
N LEU B 205 18.88 -19.99 23.41
CA LEU B 205 19.63 -21.24 23.33
C LEU B 205 21.12 -21.01 23.15
N SER B 206 21.48 -19.83 22.64
CA SER B 206 22.88 -19.46 22.40
C SER B 206 23.62 -19.07 23.69
N PRO B 207 24.71 -19.80 24.01
CA PRO B 207 25.53 -19.56 25.21
C PRO B 207 26.01 -18.11 25.30
N TYR B 208 26.15 -17.46 24.16
CA TYR B 208 26.60 -16.08 24.13
C TYR B 208 25.74 -15.18 25.02
N ASN B 209 24.46 -15.53 25.16
CA ASN B 209 23.55 -14.76 26.00
C ASN B 209 23.44 -15.40 27.37
N LYS B 210 24.59 -15.78 27.92
CA LYS B 210 24.69 -16.44 29.23
C LYS B 210 23.67 -15.99 30.29
N GLY B 211 23.93 -14.86 30.95
CA GLY B 211 23.01 -14.40 31.98
C GLY B 211 22.29 -13.10 31.67
N LEU B 212 21.97 -12.88 30.40
CA LEU B 212 21.28 -11.67 30.01
C LEU B 212 19.75 -11.78 30.02
N ILE B 213 19.26 -12.78 29.30
CA ILE B 213 17.83 -13.06 29.17
C ILE B 213 17.22 -13.67 30.43
N LYS B 214 16.09 -13.11 30.89
CA LYS B 214 15.39 -13.60 32.07
C LYS B 214 14.12 -14.36 31.68
N ARG B 215 13.42 -13.85 30.67
CA ARG B 215 12.18 -14.45 30.20
C ARG B 215 12.13 -14.20 28.71
N ALA B 216 11.28 -14.93 28.00
CA ALA B 216 11.15 -14.77 26.55
C ALA B 216 9.76 -15.14 26.06
N ILE B 217 9.38 -14.61 24.91
CA ILE B 217 8.07 -14.87 24.34
C ILE B 217 8.28 -15.09 22.86
N SER B 218 8.07 -16.33 22.43
CA SER B 218 8.18 -16.68 21.02
C SER B 218 6.76 -16.73 20.53
N GLN B 219 6.46 -15.91 19.54
CA GLN B 219 5.11 -15.85 19.00
C GLN B 219 5.12 -16.32 17.56
N SER B 220 4.39 -17.40 17.27
CA SER B 220 4.30 -17.92 15.93
C SER B 220 5.70 -18.12 15.34
N GLY B 221 6.56 -18.79 16.10
CA GLY B 221 7.93 -19.02 15.64
C GLY B 221 8.88 -19.50 16.73
N VAL B 222 9.72 -20.48 16.42
CA VAL B 222 10.63 -21.00 17.42
C VAL B 222 11.92 -21.50 16.78
N GLY B 223 12.93 -21.75 17.60
CA GLY B 223 14.20 -22.21 17.09
C GLY B 223 14.12 -23.44 16.21
N LEU B 224 13.35 -24.42 16.67
CA LEU B 224 13.18 -25.67 15.95
C LEU B 224 12.42 -25.58 14.62
N CYS B 225 12.11 -24.37 14.14
CA CYS B 225 11.35 -24.25 12.89
C CYS B 225 12.18 -24.55 11.65
N PRO B 226 11.61 -25.34 10.74
CA PRO B 226 12.26 -25.73 9.50
C PRO B 226 12.82 -24.52 8.74
N TRP B 227 12.00 -23.48 8.60
CA TRP B 227 12.39 -22.26 7.91
C TRP B 227 13.51 -21.49 8.63
N ALA B 228 13.72 -21.80 9.91
CA ALA B 228 14.73 -21.11 10.71
C ALA B 228 16.13 -21.41 10.25
N ILE B 229 16.65 -22.53 10.71
CA ILE B 229 18.00 -23.00 10.38
C ILE B 229 18.19 -23.26 8.88
N GLN B 230 19.41 -23.07 8.40
CA GLN B 230 19.79 -23.35 7.01
C GLN B 230 20.87 -24.39 7.10
N GLN B 231 20.68 -25.50 6.40
CA GLN B 231 21.67 -26.56 6.46
C GLN B 231 22.63 -26.66 5.29
N ASP B 232 22.41 -25.84 4.27
CA ASP B 232 23.26 -25.85 3.08
C ASP B 232 23.44 -24.39 2.60
N PRO B 233 24.12 -23.57 3.42
CA PRO B 233 24.41 -22.16 3.15
C PRO B 233 25.19 -21.99 1.87
N LEU B 234 26.34 -22.69 1.85
CA LEU B 234 27.30 -22.68 0.75
C LEU B 234 26.61 -22.66 -0.61
N PHE B 235 25.49 -23.35 -0.68
CA PHE B 235 24.69 -23.42 -1.90
C PHE B 235 24.37 -22.01 -2.37
N TRP B 236 23.77 -21.22 -1.49
CA TRP B 236 23.40 -19.88 -1.86
C TRP B 236 24.58 -18.94 -1.90
N ALA B 237 25.58 -19.20 -1.07
CA ALA B 237 26.77 -18.36 -1.06
C ALA B 237 27.27 -18.42 -2.49
N LYS B 238 27.45 -19.65 -2.95
CA LYS B 238 27.91 -19.94 -4.29
C LYS B 238 27.01 -19.26 -5.34
N ARG B 239 25.71 -19.39 -5.14
CA ARG B 239 24.73 -18.82 -6.04
C ARG B 239 24.86 -17.29 -6.21
N ILE B 240 25.08 -16.59 -5.09
CA ILE B 240 25.22 -15.13 -5.13
C ILE B 240 26.57 -14.78 -5.76
N ALA B 241 27.61 -15.50 -5.35
CA ALA B 241 28.96 -15.29 -5.89
C ALA B 241 28.86 -15.22 -7.40
N GLU B 242 28.33 -16.29 -8.00
CA GLU B 242 28.14 -16.37 -9.46
C GLU B 242 27.44 -15.11 -9.99
N LYS B 243 26.43 -14.64 -9.25
CA LYS B 243 25.67 -13.47 -9.63
C LYS B 243 26.49 -12.19 -9.55
N VAL B 244 27.37 -12.12 -8.55
CA VAL B 244 28.21 -10.94 -8.36
C VAL B 244 29.59 -11.06 -8.99
N GLY B 245 29.80 -12.13 -9.76
CA GLY B 245 31.07 -12.35 -10.44
C GLY B 245 32.23 -12.67 -9.51
N CYS B 246 31.98 -13.51 -8.51
CA CYS B 246 33.03 -13.89 -7.57
C CYS B 246 33.45 -15.35 -7.75
N PRO B 247 34.67 -15.69 -7.32
CA PRO B 247 35.25 -17.04 -7.41
C PRO B 247 34.47 -18.06 -6.57
N VAL B 248 33.97 -19.09 -7.23
CA VAL B 248 33.22 -20.14 -6.56
C VAL B 248 34.08 -21.36 -6.24
N ASP B 249 35.38 -21.25 -6.55
CA ASP B 249 36.34 -22.34 -6.36
C ASP B 249 36.66 -22.70 -4.91
N ASP B 250 36.84 -21.68 -4.08
CA ASP B 250 37.15 -21.90 -2.67
C ASP B 250 36.66 -20.72 -1.85
N THR B 251 36.32 -20.98 -0.58
CA THR B 251 35.79 -19.94 0.30
C THR B 251 36.62 -18.69 0.40
N SER B 252 37.91 -18.83 0.68
CA SER B 252 38.80 -17.66 0.77
C SER B 252 38.56 -16.69 -0.38
N LYS B 253 38.67 -17.20 -1.60
CA LYS B 253 38.48 -16.37 -2.80
C LYS B 253 37.07 -15.80 -2.95
N MET B 254 36.06 -16.56 -2.51
CA MET B 254 34.67 -16.12 -2.62
C MET B 254 34.33 -15.13 -1.49
N ALA B 255 34.49 -15.57 -0.24
CA ALA B 255 34.21 -14.74 0.95
C ALA B 255 34.86 -13.38 0.78
N GLY B 256 36.19 -13.41 0.60
CA GLY B 256 36.97 -12.19 0.42
C GLY B 256 36.38 -11.32 -0.66
N CYS B 257 35.81 -11.94 -1.68
CA CYS B 257 35.18 -11.19 -2.76
C CYS B 257 33.90 -10.55 -2.24
N LEU B 258 33.11 -11.34 -1.52
CA LEU B 258 31.85 -10.87 -0.97
C LEU B 258 32.05 -9.66 -0.07
N LYS B 259 32.98 -9.78 0.87
CA LYS B 259 33.28 -8.69 1.80
C LYS B 259 33.88 -7.46 1.10
N ILE B 260 33.70 -7.35 -0.21
CA ILE B 260 34.22 -6.22 -0.98
C ILE B 260 33.17 -5.86 -2.04
N THR B 261 32.16 -6.70 -2.18
CA THR B 261 31.10 -6.48 -3.14
C THR B 261 30.09 -5.47 -2.61
N ASP B 262 29.51 -4.70 -3.53
CA ASP B 262 28.53 -3.69 -3.16
C ASP B 262 27.33 -4.28 -2.40
N PRO B 263 27.09 -3.79 -1.17
CA PRO B 263 25.98 -4.25 -0.34
C PRO B 263 24.65 -4.17 -1.05
N ARG B 264 24.49 -3.21 -1.94
CA ARG B 264 23.22 -3.10 -2.65
C ARG B 264 23.06 -4.28 -3.60
N ALA B 265 24.02 -4.45 -4.52
CA ALA B 265 23.99 -5.54 -5.50
C ALA B 265 24.03 -6.89 -4.80
N LEU B 266 24.67 -6.95 -3.65
CA LEU B 266 24.76 -8.18 -2.86
C LEU B 266 23.35 -8.56 -2.39
N THR B 267 22.56 -7.56 -2.02
CA THR B 267 21.19 -7.77 -1.55
C THR B 267 20.24 -8.10 -2.69
N LEU B 268 20.40 -7.42 -3.82
CA LEU B 268 19.56 -7.65 -4.99
C LEU B 268 19.98 -8.85 -5.84
N ALA B 269 20.97 -9.61 -5.36
CA ALA B 269 21.42 -10.80 -6.08
C ALA B 269 20.44 -11.92 -5.76
N TYR B 270 19.59 -11.69 -4.77
CA TYR B 270 18.58 -12.64 -4.33
C TYR B 270 17.21 -11.98 -4.53
N LYS B 271 16.25 -12.78 -4.99
CA LYS B 271 14.89 -12.30 -5.22
C LYS B 271 13.94 -13.46 -4.98
N LEU B 272 13.14 -13.35 -3.92
CA LEU B 272 12.18 -14.40 -3.61
C LEU B 272 11.11 -14.36 -4.70
N PRO B 273 10.83 -15.52 -5.34
CA PRO B 273 9.86 -15.74 -6.42
C PRO B 273 8.48 -15.10 -6.28
N LEU B 274 7.70 -15.59 -5.31
CA LEU B 274 6.35 -15.11 -5.07
C LEU B 274 5.50 -15.25 -6.32
N GLY B 275 5.42 -16.50 -6.79
CA GLY B 275 4.66 -16.83 -7.98
C GLY B 275 4.62 -18.33 -8.09
N SER B 276 4.13 -18.85 -9.22
CA SER B 276 4.03 -20.30 -9.43
C SER B 276 5.38 -21.02 -9.38
N THR B 277 5.67 -21.62 -8.23
CA THR B 277 6.90 -22.37 -8.05
C THR B 277 6.56 -23.86 -8.12
N GLU B 278 7.51 -24.65 -8.61
CA GLU B 278 7.29 -26.09 -8.71
C GLU B 278 7.29 -26.69 -7.31
N TYR B 279 8.14 -26.18 -6.44
CA TYR B 279 8.24 -26.68 -5.08
C TYR B 279 7.67 -25.65 -4.12
N PRO B 280 7.35 -26.07 -2.88
CA PRO B 280 6.80 -25.14 -1.88
C PRO B 280 7.79 -24.01 -1.61
N LYS B 281 7.26 -22.81 -1.36
CA LYS B 281 8.08 -21.62 -1.10
C LYS B 281 9.13 -21.75 0.00
N LEU B 282 8.95 -22.70 0.91
CA LEU B 282 9.93 -22.93 1.97
C LEU B 282 11.30 -23.18 1.29
N HIS B 283 11.25 -23.77 0.12
CA HIS B 283 12.45 -24.10 -0.64
C HIS B 283 13.05 -22.90 -1.37
N TYR B 284 12.89 -21.72 -0.80
CA TYR B 284 13.44 -20.52 -1.42
C TYR B 284 13.93 -19.61 -0.31
N LEU B 285 13.56 -19.93 0.92
CA LEU B 285 14.00 -19.13 2.05
C LEU B 285 15.45 -19.53 2.16
N SER B 286 16.31 -18.64 1.69
CA SER B 286 17.74 -18.90 1.68
C SER B 286 18.54 -18.36 2.85
N PHE B 287 18.60 -17.03 2.93
CA PHE B 287 19.37 -16.36 3.95
C PHE B 287 18.65 -16.25 5.31
N VAL B 288 19.04 -17.15 6.21
CA VAL B 288 18.49 -17.26 7.56
C VAL B 288 19.61 -17.80 8.43
N PRO B 289 19.44 -17.81 9.77
CA PRO B 289 20.55 -18.31 10.59
C PRO B 289 20.96 -19.75 10.24
N VAL B 290 22.21 -20.06 10.55
CA VAL B 290 22.80 -21.36 10.29
C VAL B 290 23.43 -21.82 11.59
N ILE B 291 23.95 -23.02 11.63
CA ILE B 291 24.58 -23.44 12.87
C ILE B 291 26.06 -23.17 12.67
N ASP B 292 26.71 -22.62 13.68
CA ASP B 292 28.14 -22.35 13.61
C ASP B 292 28.78 -23.22 14.67
N GLY B 293 29.76 -22.68 15.39
CA GLY B 293 30.39 -23.47 16.43
C GLY B 293 30.40 -22.75 17.76
N ASP B 294 29.97 -21.49 17.74
CA ASP B 294 29.95 -20.68 18.94
C ASP B 294 28.58 -20.14 19.33
N PHE B 295 27.95 -19.37 18.45
CA PHE B 295 26.64 -18.80 18.75
C PHE B 295 25.59 -19.89 18.77
N ILE B 296 25.33 -20.47 17.60
CA ILE B 296 24.40 -21.57 17.51
C ILE B 296 25.36 -22.75 17.44
N PRO B 297 25.70 -23.35 18.60
CA PRO B 297 26.62 -24.49 18.68
C PRO B 297 26.15 -25.71 17.89
N ASP B 298 25.18 -26.44 18.42
CA ASP B 298 24.67 -27.61 17.72
C ASP B 298 23.18 -27.43 17.46
N ASP B 299 22.52 -28.49 17.01
CA ASP B 299 21.09 -28.40 16.73
C ASP B 299 20.41 -27.77 17.93
N PRO B 300 19.71 -26.64 17.72
CA PRO B 300 19.00 -25.92 18.78
C PRO B 300 18.35 -26.83 19.81
N VAL B 301 17.74 -27.92 19.33
CA VAL B 301 17.06 -28.88 20.21
C VAL B 301 17.85 -29.34 21.43
N ASN B 302 19.17 -29.50 21.27
CA ASN B 302 20.02 -29.95 22.37
C ASN B 302 20.49 -28.77 23.18
N LEU B 303 20.45 -27.59 22.57
CA LEU B 303 20.88 -26.35 23.20
C LEU B 303 19.96 -25.91 24.35
N TYR B 304 18.82 -26.59 24.49
CA TYR B 304 17.85 -26.26 25.52
C TYR B 304 18.28 -26.29 26.97
N ALA B 305 19.45 -26.84 27.26
CA ALA B 305 19.91 -26.87 28.65
C ALA B 305 20.25 -25.47 29.12
N ASN B 306 20.49 -24.56 28.16
CA ASN B 306 20.80 -23.16 28.43
C ASN B 306 19.55 -22.40 28.89
N ALA B 307 18.43 -22.64 28.21
CA ALA B 307 17.16 -21.99 28.53
C ALA B 307 16.54 -22.43 29.87
N ALA B 308 17.25 -23.29 30.59
CA ALA B 308 16.81 -23.85 31.86
C ALA B 308 16.30 -22.87 32.91
N ASP B 309 16.79 -21.63 32.89
CA ASP B 309 16.33 -20.62 33.83
C ASP B 309 15.87 -19.32 33.16
N VAL B 310 15.15 -19.48 32.05
CA VAL B 310 14.59 -18.38 31.28
C VAL B 310 13.10 -18.68 31.12
N ASP B 311 12.26 -18.00 31.89
CA ASP B 311 10.81 -18.19 31.80
C ASP B 311 10.50 -18.08 30.32
N TYR B 312 9.55 -18.86 29.83
CA TYR B 312 9.27 -18.84 28.42
C TYR B 312 7.80 -19.01 28.14
N ILE B 313 7.36 -18.46 27.02
CA ILE B 313 5.98 -18.57 26.56
C ILE B 313 6.12 -18.63 25.05
N ALA B 314 5.48 -19.59 24.41
CA ALA B 314 5.54 -19.71 22.96
C ALA B 314 4.13 -20.08 22.54
N GLY B 315 3.76 -19.75 21.31
CA GLY B 315 2.43 -20.08 20.86
C GLY B 315 2.25 -19.84 19.39
N THR B 316 1.10 -20.23 18.85
CA THR B 316 0.82 -20.05 17.44
C THR B 316 -0.56 -19.43 17.24
N ASN B 317 -0.95 -19.27 15.99
CA ASN B 317 -2.27 -18.74 15.65
C ASN B 317 -2.91 -19.99 15.07
N ASP B 318 -4.14 -20.29 15.49
CA ASP B 318 -4.79 -21.50 15.01
C ASP B 318 -4.64 -21.78 13.51
N MET B 319 -4.80 -20.76 12.67
CA MET B 319 -4.68 -20.95 11.23
C MET B 319 -3.46 -20.19 10.68
N ASP B 320 -2.33 -20.37 11.38
CA ASP B 320 -1.07 -19.71 11.03
C ASP B 320 -0.59 -19.85 9.59
N GLY B 321 -0.67 -21.07 9.05
CA GLY B 321 -0.21 -21.31 7.70
C GLY B 321 -0.99 -20.66 6.58
N HIS B 322 -2.19 -20.17 6.85
CA HIS B 322 -3.01 -19.59 5.80
C HIS B 322 -2.29 -18.63 4.84
N LEU B 323 -1.40 -17.81 5.38
CA LEU B 323 -0.71 -16.83 4.56
C LEU B 323 0.12 -17.45 3.45
N PHE B 324 1.00 -18.36 3.85
CA PHE B 324 1.90 -19.01 2.93
C PHE B 324 1.25 -20.02 2.01
N VAL B 325 0.39 -20.87 2.57
CA VAL B 325 -0.30 -21.88 1.78
C VAL B 325 -1.13 -21.21 0.69
N GLY B 326 -1.63 -20.00 0.95
CA GLY B 326 -2.39 -19.29 -0.06
C GLY B 326 -1.50 -19.00 -1.25
N MET B 327 -0.20 -18.83 -0.99
CA MET B 327 0.78 -18.57 -2.04
C MET B 327 1.11 -19.88 -2.77
N ASP B 328 1.02 -20.98 -2.03
CA ASP B 328 1.30 -22.29 -2.60
C ASP B 328 0.12 -22.82 -3.39
N VAL B 329 -1.00 -22.98 -2.71
CA VAL B 329 -2.20 -23.48 -3.36
C VAL B 329 -3.33 -22.52 -3.01
N PRO B 330 -3.81 -21.75 -4.00
CA PRO B 330 -4.90 -20.79 -3.77
C PRO B 330 -6.20 -21.43 -3.26
N ALA B 331 -6.20 -21.86 -2.00
CA ALA B 331 -7.33 -22.50 -1.33
C ALA B 331 -8.33 -21.46 -0.84
N ILE B 332 -7.96 -20.19 -0.97
CA ILE B 332 -8.84 -19.14 -0.57
C ILE B 332 -10.04 -18.92 -1.46
N ASN B 333 -9.97 -19.43 -2.70
CA ASN B 333 -11.04 -19.30 -3.68
C ASN B 333 -12.17 -20.30 -3.48
N SER B 334 -12.78 -20.22 -2.32
CA SER B 334 -13.91 -21.07 -1.97
C SER B 334 -15.08 -20.50 -2.77
N ASN B 335 -14.97 -20.67 -4.07
CA ASN B 335 -15.96 -20.18 -5.01
C ASN B 335 -15.71 -20.90 -6.32
N LYS B 336 -15.03 -20.24 -7.25
CA LYS B 336 -14.75 -20.80 -8.56
C LYS B 336 -13.85 -22.03 -8.59
N GLN B 337 -12.57 -21.84 -8.31
CA GLN B 337 -11.65 -22.95 -8.32
C GLN B 337 -11.88 -23.94 -7.21
N ASP B 338 -11.34 -25.13 -7.42
CA ASP B 338 -11.46 -26.20 -6.45
C ASP B 338 -10.18 -27.02 -6.37
N VAL B 339 -10.02 -27.80 -5.31
CA VAL B 339 -8.82 -28.59 -5.12
C VAL B 339 -9.07 -30.10 -5.18
N THR B 340 -8.10 -30.84 -5.71
CA THR B 340 -8.21 -32.30 -5.86
C THR B 340 -7.17 -33.08 -5.08
N GLU B 341 -7.36 -34.40 -5.01
CA GLU B 341 -6.46 -35.30 -4.31
C GLU B 341 -5.02 -35.22 -4.81
N GLU B 342 -4.85 -35.01 -6.11
CA GLU B 342 -3.50 -34.89 -6.65
C GLU B 342 -2.93 -33.57 -6.13
N ASP B 343 -3.76 -32.53 -6.14
CA ASP B 343 -3.36 -31.20 -5.67
C ASP B 343 -2.77 -31.28 -4.28
N PHE B 344 -3.51 -31.90 -3.36
CA PHE B 344 -3.02 -32.03 -1.99
C PHE B 344 -1.78 -32.91 -1.97
N TYR B 345 -1.79 -34.00 -2.74
CA TYR B 345 -0.65 -34.89 -2.78
C TYR B 345 0.61 -34.13 -3.17
N LYS B 346 0.50 -33.28 -4.19
CA LYS B 346 1.65 -32.50 -4.65
C LYS B 346 2.20 -31.74 -3.46
N LEU B 347 1.32 -30.99 -2.79
CA LEU B 347 1.70 -30.22 -1.62
C LEU B 347 2.45 -31.05 -0.59
N VAL B 348 1.91 -32.22 -0.25
CA VAL B 348 2.57 -33.07 0.74
C VAL B 348 3.97 -33.50 0.28
N SER B 349 4.09 -33.92 -0.97
CA SER B 349 5.37 -34.34 -1.52
C SER B 349 6.38 -33.21 -1.42
N GLY B 350 5.94 -32.01 -1.79
CA GLY B 350 6.80 -30.85 -1.75
C GLY B 350 7.23 -30.44 -0.35
N LEU B 351 6.59 -30.97 0.68
CA LEU B 351 6.92 -30.65 2.05
C LEU B 351 7.56 -31.84 2.76
N THR B 352 7.80 -32.92 2.00
CA THR B 352 8.43 -34.14 2.55
C THR B 352 9.68 -34.57 1.78
N VAL B 353 10.22 -33.68 0.96
CA VAL B 353 11.43 -33.96 0.16
C VAL B 353 12.47 -34.76 0.95
N THR B 354 12.73 -34.36 2.19
CA THR B 354 13.71 -35.03 3.04
C THR B 354 13.55 -36.55 3.18
N LYS B 355 12.32 -37.07 3.08
CA LYS B 355 12.10 -38.51 3.20
C LYS B 355 11.45 -39.09 1.95
N GLY B 356 11.30 -38.23 0.93
CA GLY B 356 10.73 -38.66 -0.34
C GLY B 356 9.30 -39.17 -0.25
N LEU B 357 8.85 -39.87 -1.29
CA LEU B 357 7.49 -40.40 -1.33
C LEU B 357 7.18 -41.45 -0.26
N ARG B 358 8.20 -42.11 0.29
CA ARG B 358 7.96 -43.11 1.33
C ARG B 358 7.35 -42.36 2.52
N GLY B 359 7.90 -41.18 2.81
CA GLY B 359 7.37 -40.38 3.90
C GLY B 359 6.11 -39.70 3.38
N ALA B 360 6.19 -39.13 2.17
CA ALA B 360 5.06 -38.42 1.56
C ALA B 360 3.71 -39.12 1.60
N ASN B 361 3.61 -40.32 1.03
CA ASN B 361 2.35 -41.05 1.02
C ASN B 361 1.89 -41.43 2.42
N ALA B 362 2.82 -41.73 3.32
CA ALA B 362 2.48 -42.09 4.69
C ALA B 362 1.87 -40.87 5.42
N THR B 363 2.35 -39.68 5.06
CA THR B 363 1.86 -38.42 5.60
C THR B 363 0.46 -38.20 5.03
N TYR B 364 0.35 -38.37 3.72
CA TYR B 364 -0.91 -38.24 3.00
C TYR B 364 -1.98 -39.07 3.72
N GLU B 365 -1.58 -40.26 4.13
CA GLU B 365 -2.49 -41.15 4.83
C GLU B 365 -3.08 -40.47 6.08
N VAL B 366 -2.22 -40.01 7.00
CA VAL B 366 -2.69 -39.35 8.23
C VAL B 366 -3.53 -38.08 7.99
N TYR B 367 -3.01 -37.21 7.14
CA TYR B 367 -3.73 -35.97 6.84
C TYR B 367 -5.00 -36.19 6.07
N THR B 368 -5.13 -37.34 5.41
CA THR B 368 -6.35 -37.61 4.67
C THR B 368 -7.11 -38.75 5.34
N GLU B 369 -7.07 -38.79 6.66
CA GLU B 369 -7.80 -39.80 7.41
C GLU B 369 -9.29 -39.41 7.35
N PRO B 370 -9.62 -38.11 7.56
CA PRO B 370 -11.04 -37.71 7.47
C PRO B 370 -11.47 -37.56 5.99
N TRP B 371 -12.77 -37.43 5.75
CA TRP B 371 -13.31 -37.36 4.37
C TRP B 371 -14.24 -36.19 4.06
N ALA B 372 -14.38 -35.92 2.76
CA ALA B 372 -15.23 -34.86 2.23
C ALA B 372 -15.07 -34.80 0.71
N GLN B 373 -16.19 -34.93 0.00
CA GLN B 373 -16.22 -34.91 -1.46
C GLN B 373 -15.84 -33.55 -2.04
N ASP B 374 -15.88 -33.48 -3.37
CA ASP B 374 -15.56 -32.25 -4.09
C ASP B 374 -16.59 -31.18 -3.73
N SER B 375 -17.84 -31.62 -3.54
CA SER B 375 -18.92 -30.72 -3.17
C SER B 375 -18.75 -30.14 -1.75
N SER B 376 -17.80 -30.68 -1.01
CA SER B 376 -17.52 -30.25 0.37
C SER B 376 -16.01 -30.22 0.59
N GLN B 377 -15.28 -29.74 -0.41
CA GLN B 377 -13.84 -29.68 -0.31
C GLN B 377 -13.34 -28.64 0.67
N GLU B 378 -14.24 -28.01 1.42
CA GLU B 378 -13.85 -27.03 2.42
C GLU B 378 -12.91 -27.76 3.36
N THR B 379 -13.21 -29.02 3.62
CA THR B 379 -12.39 -29.82 4.50
C THR B 379 -10.97 -29.95 3.95
N ARG B 380 -10.89 -30.10 2.63
CA ARG B 380 -9.59 -30.22 1.98
C ARG B 380 -8.85 -28.87 2.00
N LYS B 381 -9.52 -27.82 1.55
CA LYS B 381 -8.92 -26.49 1.54
C LYS B 381 -8.42 -26.11 2.93
N LYS B 382 -9.08 -26.62 3.97
CA LYS B 382 -8.67 -26.35 5.32
C LYS B 382 -7.51 -27.25 5.71
N THR B 383 -7.47 -28.48 5.19
CA THR B 383 -6.38 -29.40 5.53
C THR B 383 -5.02 -28.97 5.00
N MET B 384 -5.02 -28.33 3.84
CA MET B 384 -3.78 -27.82 3.27
C MET B 384 -3.30 -26.72 4.23
N VAL B 385 -4.23 -25.85 4.62
CA VAL B 385 -4.02 -24.73 5.55
C VAL B 385 -3.69 -25.29 6.94
N ASP B 386 -3.94 -26.58 7.12
CA ASP B 386 -3.68 -27.23 8.39
C ASP B 386 -2.31 -27.87 8.32
N LEU B 387 -1.94 -28.30 7.10
CA LEU B 387 -0.65 -28.94 6.82
C LEU B 387 0.52 -27.96 7.07
N GLU B 388 0.57 -26.88 6.29
CA GLU B 388 1.62 -25.87 6.43
C GLU B 388 1.69 -25.53 7.90
N THR B 389 0.57 -25.06 8.44
CA THR B 389 0.49 -24.68 9.86
C THR B 389 1.19 -25.68 10.77
N ASP B 390 1.07 -26.96 10.46
CA ASP B 390 1.66 -28.00 11.28
C ASP B 390 3.19 -28.10 11.21
N ILE B 391 3.72 -28.16 9.99
CA ILE B 391 5.15 -28.30 9.79
C ILE B 391 5.90 -27.00 10.03
N LEU B 392 5.37 -25.92 9.47
CA LEU B 392 6.00 -24.61 9.61
C LEU B 392 5.90 -24.07 11.03
N PHE B 393 4.73 -24.21 11.66
CA PHE B 393 4.56 -23.66 13.00
C PHE B 393 4.18 -24.54 14.19
N LEU B 394 3.06 -25.25 14.09
CA LEU B 394 2.59 -26.02 15.21
C LEU B 394 3.53 -27.02 15.88
N ILE B 395 3.93 -28.08 15.15
CA ILE B 395 4.84 -29.08 15.72
C ILE B 395 6.18 -28.48 16.15
N PRO B 396 6.82 -27.68 15.29
CA PRO B 396 8.11 -27.10 15.71
C PRO B 396 7.92 -26.43 17.08
N THR B 397 6.89 -25.59 17.20
CA THR B 397 6.60 -24.89 18.43
C THR B 397 6.28 -25.85 19.55
N LYS B 398 5.53 -26.90 19.21
CA LYS B 398 5.15 -27.93 20.16
C LYS B 398 6.38 -28.56 20.80
N ILE B 399 7.28 -29.08 19.97
CA ILE B 399 8.50 -29.72 20.44
C ILE B 399 9.34 -28.73 21.27
N ALA B 400 9.31 -27.47 20.87
CA ALA B 400 10.05 -26.43 21.57
C ALA B 400 9.54 -26.25 23.01
N VAL B 401 8.24 -26.03 23.15
CA VAL B 401 7.67 -25.82 24.47
C VAL B 401 7.87 -27.02 25.39
N ALA B 402 7.69 -28.22 24.84
CA ALA B 402 7.88 -29.46 25.61
C ALA B 402 9.34 -29.65 26.03
N GLN B 403 10.26 -29.36 25.10
CA GLN B 403 11.70 -29.49 25.39
C GLN B 403 12.06 -28.53 26.52
N HIS B 404 11.60 -27.29 26.41
CA HIS B 404 11.89 -26.31 27.43
C HIS B 404 11.27 -26.74 28.74
N LYS B 405 10.19 -27.50 28.65
CA LYS B 405 9.52 -27.96 29.84
C LYS B 405 10.39 -29.02 30.50
N SER B 406 10.78 -30.01 29.72
CA SER B 406 11.59 -31.12 30.22
C SER B 406 12.92 -30.66 30.81
N HIS B 407 13.56 -29.71 30.14
CA HIS B 407 14.85 -29.21 30.58
C HIS B 407 14.77 -28.08 31.62
N ALA B 408 13.59 -27.47 31.76
CA ALA B 408 13.40 -26.36 32.70
C ALA B 408 13.92 -26.61 34.10
N LYS B 409 14.87 -25.79 34.52
CA LYS B 409 15.44 -25.92 35.85
C LYS B 409 14.42 -25.39 36.87
N SER B 410 14.23 -24.07 36.86
CA SER B 410 13.28 -23.42 37.74
C SER B 410 12.77 -22.22 36.97
N ALA B 411 12.03 -22.52 35.90
CA ALA B 411 11.47 -21.49 35.03
C ALA B 411 10.12 -21.96 34.52
N ASN B 412 9.10 -21.12 34.62
CA ASN B 412 7.78 -21.50 34.17
C ASN B 412 7.72 -21.62 32.66
N THR B 413 6.84 -22.49 32.19
CA THR B 413 6.65 -22.70 30.77
C THR B 413 5.16 -22.50 30.51
N TYR B 414 4.83 -21.79 29.43
CA TYR B 414 3.45 -21.55 29.09
C TYR B 414 3.35 -21.57 27.56
N THR B 415 2.31 -22.17 27.03
CA THR B 415 2.10 -22.20 25.59
C THR B 415 0.71 -21.64 25.33
N TYR B 416 0.47 -21.14 24.11
CA TYR B 416 -0.82 -20.55 23.80
C TYR B 416 -1.31 -20.80 22.38
N LEU B 417 -2.53 -20.35 22.13
CA LEU B 417 -3.17 -20.47 20.83
C LEU B 417 -4.07 -19.24 20.62
N PHE B 418 -3.73 -18.45 19.62
CA PHE B 418 -4.45 -17.25 19.25
C PHE B 418 -5.50 -17.70 18.26
N SER B 419 -6.76 -17.67 18.68
CA SER B 419 -7.85 -18.12 17.83
C SER B 419 -8.67 -17.00 17.19
N GLN B 420 -8.47 -15.76 17.65
CA GLN B 420 -9.23 -14.63 17.11
C GLN B 420 -9.25 -14.60 15.58
N PRO B 421 -10.44 -14.77 14.99
CA PRO B 421 -10.64 -14.79 13.54
C PRO B 421 -10.16 -13.55 12.81
N SER B 422 -9.68 -13.78 11.60
CA SER B 422 -9.19 -12.73 10.72
C SER B 422 -10.35 -11.85 10.37
N ARG B 423 -10.06 -10.56 10.25
CA ARG B 423 -11.04 -9.56 9.89
C ARG B 423 -10.92 -9.29 8.39
N MET B 424 -10.12 -10.11 7.70
CA MET B 424 -9.95 -9.92 6.28
C MET B 424 -11.22 -10.40 5.61
N PRO B 425 -11.77 -9.60 4.68
CA PRO B 425 -13.00 -9.88 3.93
C PRO B 425 -12.84 -10.75 2.69
N ILE B 426 -11.65 -10.80 2.12
CA ILE B 426 -11.43 -11.61 0.93
C ILE B 426 -11.03 -13.05 1.26
N TYR B 427 -10.79 -13.31 2.54
CA TYR B 427 -10.43 -14.64 2.97
C TYR B 427 -11.73 -15.44 3.12
N PRO B 428 -11.65 -16.76 2.91
CA PRO B 428 -12.82 -17.66 3.02
C PRO B 428 -13.50 -17.46 4.37
N LYS B 429 -14.83 -17.51 4.38
CA LYS B 429 -15.59 -17.31 5.61
C LYS B 429 -15.25 -18.25 6.79
N TRP B 430 -14.46 -19.28 6.53
CA TRP B 430 -14.07 -20.20 7.61
C TRP B 430 -12.76 -19.82 8.26
N MET B 431 -12.15 -18.74 7.77
CA MET B 431 -10.87 -18.26 8.26
C MET B 431 -10.79 -18.08 9.75
N GLY B 432 -9.60 -18.38 10.26
CA GLY B 432 -9.31 -18.23 11.66
C GLY B 432 -8.17 -17.24 11.80
N ALA B 433 -7.38 -17.41 12.86
CA ALA B 433 -6.26 -16.52 13.12
C ALA B 433 -5.09 -16.83 12.17
N ASP B 434 -4.87 -15.91 11.24
CA ASP B 434 -3.79 -15.97 10.25
C ASP B 434 -2.42 -15.57 10.87
N HIS B 435 -1.34 -15.80 10.13
CA HIS B 435 0.00 -15.44 10.61
C HIS B 435 0.10 -13.91 10.74
N ALA B 436 0.51 -13.46 11.92
CA ALA B 436 0.71 -12.04 12.20
C ALA B 436 -0.51 -11.22 12.61
N ASP B 437 -1.69 -11.83 12.61
CA ASP B 437 -2.90 -11.12 13.02
C ASP B 437 -2.74 -10.63 14.46
N ASP B 438 -1.88 -11.30 15.22
CA ASP B 438 -1.64 -11.00 16.62
C ASP B 438 -0.83 -9.75 16.90
N LEU B 439 -0.07 -9.25 15.93
CA LEU B 439 0.76 -8.07 16.15
C LEU B 439 -0.02 -6.87 16.68
N GLN B 440 -0.93 -6.35 15.86
CA GLN B 440 -1.76 -5.19 16.24
C GLN B 440 -2.37 -5.32 17.63
N TYR B 441 -2.87 -6.51 17.93
CA TYR B 441 -3.49 -6.79 19.21
C TYR B 441 -2.46 -6.67 20.34
N VAL B 442 -1.30 -7.25 20.13
CA VAL B 442 -0.23 -7.20 21.13
C VAL B 442 0.29 -5.77 21.30
N PHE B 443 0.46 -5.07 20.19
CA PHE B 443 0.96 -3.69 20.23
C PHE B 443 -0.19 -2.68 20.48
N GLY B 444 -1.19 -3.12 21.24
CA GLY B 444 -2.32 -2.27 21.60
C GLY B 444 -2.98 -1.43 20.54
N LYS B 445 -2.85 -1.80 19.27
CA LYS B 445 -3.47 -1.05 18.20
C LYS B 445 -4.96 -0.69 18.39
N PRO B 446 -5.82 -1.63 18.85
CA PRO B 446 -7.23 -1.27 19.03
C PRO B 446 -7.48 -0.10 20.00
N PHE B 447 -6.57 0.10 20.94
CA PHE B 447 -6.68 1.19 21.89
C PHE B 447 -6.10 2.45 21.27
N ALA B 448 -4.89 2.33 20.75
CA ALA B 448 -4.19 3.45 20.13
C ALA B 448 -4.82 3.94 18.84
N THR B 449 -5.65 3.12 18.23
CA THR B 449 -6.29 3.47 16.98
C THR B 449 -7.68 2.78 16.92
N PRO B 450 -8.53 3.07 17.94
CA PRO B 450 -9.89 2.56 18.14
C PRO B 450 -10.88 2.57 16.98
N LEU B 451 -10.90 3.68 16.25
CA LEU B 451 -11.81 3.84 15.11
C LEU B 451 -11.77 2.74 14.04
N GLY B 452 -10.86 1.79 14.18
CA GLY B 452 -10.76 0.70 13.22
C GLY B 452 -10.86 -0.61 13.96
N TYR B 453 -11.44 -0.54 15.15
CA TYR B 453 -11.60 -1.73 15.98
C TYR B 453 -12.92 -1.71 16.72
N ARG B 454 -13.30 -2.88 17.19
CA ARG B 454 -14.54 -3.11 17.91
C ARG B 454 -14.23 -3.65 19.31
N ALA B 455 -15.25 -3.65 20.16
CA ALA B 455 -15.16 -4.11 21.54
C ALA B 455 -14.26 -5.33 21.73
N GLN B 456 -14.66 -6.46 21.17
CA GLN B 456 -13.89 -7.70 21.25
C GLN B 456 -12.38 -7.47 21.04
N ASP B 457 -12.05 -6.66 20.03
CA ASP B 457 -10.67 -6.35 19.71
C ASP B 457 -9.96 -5.76 20.90
N ARG B 458 -10.60 -4.76 21.49
CA ARG B 458 -10.05 -4.11 22.66
C ARG B 458 -10.06 -5.02 23.88
N THR B 459 -10.74 -6.16 23.77
CA THR B 459 -10.81 -7.12 24.85
C THR B 459 -9.66 -8.09 24.74
N VAL B 460 -9.39 -8.48 23.50
CA VAL B 460 -8.32 -9.37 23.18
C VAL B 460 -7.06 -8.60 23.55
N SER B 461 -6.85 -7.46 22.92
CA SER B 461 -5.68 -6.62 23.16
C SER B 461 -5.47 -6.36 24.64
N LYS B 462 -6.53 -6.00 25.36
CA LYS B 462 -6.43 -5.73 26.79
C LYS B 462 -5.88 -6.97 27.48
N ALA B 463 -6.42 -8.13 27.14
CA ALA B 463 -5.97 -9.39 27.71
C ALA B 463 -4.49 -9.65 27.43
N MET B 464 -4.11 -9.65 26.15
CA MET B 464 -2.72 -9.91 25.76
C MET B 464 -1.69 -8.97 26.38
N ILE B 465 -1.93 -7.66 26.22
CA ILE B 465 -1.05 -6.64 26.78
C ILE B 465 -0.92 -6.84 28.29
N ALA B 466 -1.92 -7.43 28.90
CA ALA B 466 -1.90 -7.72 30.34
C ALA B 466 -1.11 -8.98 30.62
N TYR B 467 -1.33 -10.03 29.82
CA TYR B 467 -0.65 -11.31 29.99
C TYR B 467 0.82 -11.17 29.76
N TRP B 468 1.17 -10.57 28.63
CA TRP B 468 2.54 -10.33 28.22
C TRP B 468 3.34 -9.51 29.26
N THR B 469 2.80 -8.35 29.67
CA THR B 469 3.47 -7.48 30.65
C THR B 469 3.53 -8.07 32.07
N ASN B 470 2.46 -8.75 32.49
CA ASN B 470 2.43 -9.42 33.80
C ASN B 470 3.58 -10.42 33.79
N PHE B 471 3.73 -11.11 32.65
CA PHE B 471 4.79 -12.09 32.48
C PHE B 471 6.13 -11.41 32.67
N ALA B 472 6.39 -10.41 31.83
CA ALA B 472 7.64 -9.67 31.87
C ALA B 472 7.97 -9.22 33.30
N ARG B 473 6.93 -8.98 34.10
CA ARG B 473 7.12 -8.52 35.48
C ARG B 473 7.35 -9.61 36.53
N THR B 474 6.63 -10.72 36.44
CA THR B 474 6.78 -11.75 37.47
C THR B 474 7.01 -13.15 36.96
N GLY B 475 6.69 -13.40 35.69
CA GLY B 475 6.86 -14.74 35.15
C GLY B 475 5.53 -15.47 35.17
N ASP B 476 4.56 -14.89 35.87
CA ASP B 476 3.21 -15.45 35.97
C ASP B 476 2.39 -14.47 35.15
N PRO B 477 1.85 -14.92 34.01
CA PRO B 477 1.06 -14.04 33.15
C PRO B 477 -0.19 -13.52 33.86
N ASN B 478 -0.52 -14.17 34.97
CA ASN B 478 -1.70 -13.80 35.75
C ASN B 478 -1.40 -12.84 36.87
N THR B 479 -0.13 -12.62 37.16
CA THR B 479 0.24 -11.75 38.25
C THR B 479 1.11 -10.61 37.84
N GLY B 480 0.80 -9.44 38.39
CA GLY B 480 1.58 -8.25 38.11
C GLY B 480 0.78 -6.98 38.18
N HIS B 481 1.03 -6.13 37.20
CA HIS B 481 0.41 -4.82 37.09
C HIS B 481 -1.06 -4.80 36.67
N SER B 482 -1.50 -5.85 35.99
CA SER B 482 -2.87 -5.90 35.52
C SER B 482 -3.64 -7.13 35.97
N THR B 483 -4.95 -7.10 35.75
CA THR B 483 -5.82 -8.21 36.08
C THR B 483 -6.08 -9.02 34.80
N VAL B 484 -5.97 -10.35 34.87
CA VAL B 484 -6.17 -11.13 33.66
C VAL B 484 -7.57 -11.71 33.60
N PRO B 485 -8.21 -11.64 32.42
CA PRO B 485 -9.55 -12.19 32.32
C PRO B 485 -9.61 -13.67 32.71
N ALA B 486 -8.63 -14.45 32.26
CA ALA B 486 -8.61 -15.88 32.56
C ALA B 486 -7.31 -16.34 33.19
N ASN B 487 -7.38 -17.41 33.98
CA ASN B 487 -6.19 -17.94 34.63
C ASN B 487 -5.39 -18.78 33.66
N TRP B 488 -4.15 -18.37 33.41
CA TRP B 488 -3.24 -19.07 32.49
C TRP B 488 -2.51 -20.16 33.28
N ASP B 489 -2.80 -21.41 32.94
CA ASP B 489 -2.19 -22.54 33.63
C ASP B 489 -0.87 -23.00 33.04
N PRO B 490 0.18 -23.13 33.87
CA PRO B 490 1.53 -23.56 33.50
C PRO B 490 1.55 -24.88 32.76
N TYR B 491 2.06 -24.86 31.52
CA TYR B 491 2.12 -26.05 30.67
C TYR B 491 2.83 -27.20 31.36
N THR B 492 2.30 -28.38 31.17
CA THR B 492 2.87 -29.59 31.73
C THR B 492 2.89 -30.61 30.60
N LEU B 493 3.78 -31.59 30.72
CA LEU B 493 3.94 -32.62 29.71
C LEU B 493 2.74 -33.56 29.56
N GLU B 494 2.11 -33.88 30.68
CA GLU B 494 0.96 -34.78 30.66
C GLU B 494 -0.20 -34.13 29.93
N ASP B 495 -0.63 -33.02 30.49
CA ASP B 495 -1.76 -32.26 30.01
C ASP B 495 -1.69 -31.59 28.65
N ASP B 496 -0.55 -31.00 28.31
CA ASP B 496 -0.44 -30.27 27.04
C ASP B 496 -1.51 -29.18 27.19
N ASN B 497 -1.52 -28.55 28.36
CA ASN B 497 -2.47 -27.50 28.70
C ASN B 497 -2.06 -26.15 28.13
N TYR B 498 -2.95 -25.57 27.34
CA TYR B 498 -2.69 -24.30 26.68
C TYR B 498 -3.87 -23.35 26.79
N LEU B 499 -3.57 -22.05 26.72
CA LEU B 499 -4.58 -20.99 26.78
C LEU B 499 -5.05 -20.58 25.38
N GLU B 500 -6.31 -20.83 25.07
CA GLU B 500 -6.83 -20.42 23.78
C GLU B 500 -7.17 -18.93 23.97
N ILE B 501 -6.77 -18.09 23.03
CA ILE B 501 -7.00 -16.64 23.14
C ILE B 501 -7.93 -16.02 22.11
N ASN B 502 -8.99 -15.38 22.62
CA ASN B 502 -9.99 -14.74 21.79
C ASN B 502 -10.93 -13.88 22.63
N LYS B 503 -11.93 -13.32 21.96
CA LYS B 503 -12.92 -12.45 22.59
C LYS B 503 -13.64 -13.04 23.80
N GLN B 504 -13.62 -14.36 23.91
CA GLN B 504 -14.29 -15.03 25.01
C GLN B 504 -13.26 -15.66 25.93
N MET B 505 -12.84 -14.96 26.97
CA MET B 505 -11.84 -15.55 27.85
C MET B 505 -12.50 -15.88 29.19
N ASP B 506 -12.38 -17.13 29.64
CA ASP B 506 -12.97 -17.55 30.91
C ASP B 506 -12.36 -18.81 31.47
N SER B 507 -13.14 -19.54 32.26
CA SER B 507 -12.72 -20.78 32.88
C SER B 507 -12.42 -21.87 31.85
N ASN B 508 -13.21 -21.89 30.79
CA ASN B 508 -13.06 -22.88 29.73
C ASN B 508 -11.86 -22.60 28.81
N SER B 509 -11.27 -21.42 28.95
CA SER B 509 -10.13 -21.03 28.12
C SER B 509 -8.96 -22.00 28.08
N MET B 510 -8.61 -22.59 29.23
CA MET B 510 -7.49 -23.52 29.28
C MET B 510 -7.84 -24.89 28.72
N LYS B 511 -7.49 -25.12 27.46
CA LYS B 511 -7.76 -26.38 26.79
C LYS B 511 -6.60 -27.34 27.02
N LEU B 512 -6.64 -28.50 26.36
CA LEU B 512 -5.60 -29.52 26.50
C LEU B 512 -5.41 -30.27 25.20
N HIS B 513 -4.21 -30.83 25.05
CA HIS B 513 -3.84 -31.66 23.89
C HIS B 513 -4.27 -31.20 22.49
N LEU B 514 -3.55 -30.23 21.94
CA LEU B 514 -3.86 -29.72 20.61
C LEU B 514 -3.10 -30.52 19.53
N ARG B 515 -3.84 -31.27 18.71
CA ARG B 515 -3.27 -32.05 17.62
C ARG B 515 -2.24 -33.08 18.10
N THR B 516 -2.39 -33.52 19.36
CA THR B 516 -1.47 -34.50 19.97
C THR B 516 -1.11 -35.64 19.02
N ASN B 517 -2.09 -36.06 18.23
CA ASN B 517 -1.87 -37.13 17.27
C ASN B 517 -0.83 -36.72 16.22
N TYR B 518 -0.98 -35.54 15.61
CA TYR B 518 -0.03 -35.12 14.60
C TYR B 518 1.37 -34.93 15.19
N LEU B 519 1.40 -34.51 16.44
CA LEU B 519 2.67 -34.31 17.14
C LEU B 519 3.32 -35.69 17.20
N GLN B 520 2.53 -36.73 17.42
CA GLN B 520 3.05 -38.11 17.48
C GLN B 520 3.44 -38.68 16.10
N PHE B 521 2.73 -38.27 15.04
CA PHE B 521 3.04 -38.75 13.70
C PHE B 521 4.39 -38.20 13.24
N TRP B 522 4.53 -36.88 13.28
CA TRP B 522 5.76 -36.24 12.84
C TRP B 522 6.94 -36.55 13.76
N THR B 523 6.66 -36.72 15.05
CA THR B 523 7.70 -37.01 16.04
C THR B 523 8.14 -38.49 16.09
N GLN B 524 7.19 -39.41 16.22
CA GLN B 524 7.52 -40.83 16.28
C GLN B 524 7.56 -41.54 14.94
N THR B 525 6.46 -41.50 14.21
CA THR B 525 6.38 -42.15 12.91
C THR B 525 7.34 -41.60 11.86
N TYR B 526 6.92 -40.52 11.20
CA TYR B 526 7.72 -39.90 10.13
C TYR B 526 9.21 -39.76 10.45
N GLN B 527 9.54 -39.63 11.73
CA GLN B 527 10.95 -39.48 12.10
C GLN B 527 11.81 -40.73 11.93
N ALA B 528 11.23 -41.91 12.11
CA ALA B 528 11.96 -43.17 11.97
C ALA B 528 12.08 -43.69 10.54
N LEU B 529 11.44 -42.99 9.60
CA LEU B 529 11.47 -43.38 8.21
C LEU B 529 12.72 -42.86 7.50
N PRO B 530 13.23 -43.64 6.53
CA PRO B 530 14.42 -43.36 5.72
C PRO B 530 14.58 -41.93 5.21
N THR B 531 15.77 -41.40 5.50
CA THR B 531 16.15 -40.04 5.10
C THR B 531 16.70 -40.10 3.67
N VAL B 532 16.01 -39.44 2.73
CA VAL B 532 16.46 -39.43 1.35
C VAL B 532 16.73 -38.00 0.88
#